data_2V3D
#
_entry.id   2V3D
#
_cell.length_a   67.993
_cell.length_b   97.210
_cell.length_c   82.406
_cell.angle_alpha   90.00
_cell.angle_beta   102.91
_cell.angle_gamma   90.00
#
_symmetry.space_group_name_H-M   'P 1 21 1'
#
loop_
_entity.id
_entity.type
_entity.pdbx_description
1 polymer GLUCOSYLCERAMIDASE
2 branched beta-D-mannopyranose-(1-4)-2-acetamido-2-deoxy-beta-D-glucopyranose-(1-4)-[alpha-L-fucopyranose-(1-3)]2-acetamido-2-deoxy-beta-D-glucopyranose
3 non-polymer 'SULFATE ION'
4 non-polymer (2R,3R,4R,5S)-1-BUTYL-2-(HYDROXYMETHYL)PIPERIDINE-3,4,5-TRIOL
5 non-polymer 2-acetamido-2-deoxy-beta-D-glucopyranose
6 water water
#
_entity_poly.entity_id   1
_entity_poly.type   'polypeptide(L)'
_entity_poly.pdbx_seq_one_letter_code
;EFARPCIPKSFGYSSVVCVCNATYCDSFDPPTFPALGTFSRYESTRSGRRMELSMGPIQANHTGTGLLLTLQPEQKFQKV
KGFGGAMTDAAALNILALSPPAQNLLLKSYFSEEGIGYNIIRVPMASCDFSIRTYTYADTPDDFQLHNFSLPEEDTKLKI
PLIHRALQLAQRPVSLLASPWTSPTWLKTNGAVNGKGSLKGQPGDIYHQTWARYFVKFLDAYAEHKLQFWAVTAENEPSA
GLLSGYPFQCLGFTPEHQRDFIARDLGPTLANSTHHNVRLLMLDDQRLLLPHWAKVVLTDPEAAKYVHGIAVHWYLDFLA
PAKATLGETHRLFPNTMLFASEACVGSKFWEQSVRLGSWDRGMQYSHSIITNLLYHVVGWTDWNLALNPEGGPNWVRNFV
DSPIIVDITKDTFYKQPMFYHLGHFSKFIPEGSQRVGLVASQKNDLDAVALMHPDGSAVVVVLNRSSKDVPLTIKDPAVG
FLETISPGYSIHTYLWHRQLLVDTM
;
_entity_poly.pdbx_strand_id   A,B
#
loop_
_chem_comp.id
_chem_comp.type
_chem_comp.name
_chem_comp.formula
BMA D-saccharide, beta linking beta-D-mannopyranose 'C6 H12 O6'
FUC L-saccharide, alpha linking alpha-L-fucopyranose 'C6 H12 O5'
NAG D-saccharide, beta linking 2-acetamido-2-deoxy-beta-D-glucopyranose 'C8 H15 N O6'
NBV non-polymer (2R,3R,4R,5S)-1-BUTYL-2-(HYDROXYMETHYL)PIPERIDINE-3,4,5-TRIOL 'C10 H21 N O4'
SO4 non-polymer 'SULFATE ION' 'O4 S -2'
#
# COMPACT_ATOMS: atom_id res chain seq x y z
N GLU A 1 -31.55 -28.55 11.45
CA GLU A 1 -31.85 -29.76 12.30
C GLU A 1 -32.23 -29.36 13.73
N PHE A 2 -31.27 -29.44 14.66
CA PHE A 2 -31.49 -28.97 16.02
C PHE A 2 -30.64 -27.76 16.36
N ALA A 3 -31.30 -26.69 16.76
CA ALA A 3 -30.62 -25.54 17.35
C ALA A 3 -29.78 -26.03 18.53
N ARG A 4 -28.51 -25.64 18.53
CA ARG A 4 -27.55 -25.96 19.60
C ARG A 4 -26.79 -24.70 19.88
N PRO A 5 -26.75 -24.31 21.16
CA PRO A 5 -26.12 -23.02 21.41
C PRO A 5 -24.59 -23.06 21.28
N CYS A 6 -24.01 -21.88 21.13
CA CYS A 6 -22.58 -21.66 21.25
C CYS A 6 -22.11 -22.17 22.62
N ILE A 7 -21.05 -22.98 22.63
CA ILE A 7 -20.26 -23.26 23.86
C ILE A 7 -19.17 -22.22 23.95
N PRO A 8 -19.38 -21.16 24.75
CA PRO A 8 -18.45 -20.05 24.69
C PRO A 8 -17.13 -20.29 25.41
N LYS A 9 -16.07 -19.70 24.87
CA LYS A 9 -14.78 -19.75 25.56
C LYS A 9 -14.01 -18.46 25.33
N SER A 10 -13.40 -17.97 26.41
CA SER A 10 -12.58 -16.79 26.36
C SER A 10 -11.10 -17.16 26.34
N PHE A 11 -10.35 -16.44 25.52
CA PHE A 11 -8.89 -16.52 25.46
C PHE A 11 -8.27 -15.16 25.84
N GLY A 12 -9.08 -14.33 26.51
CA GLY A 12 -8.59 -13.05 27.02
C GLY A 12 -8.76 -11.89 26.05
N TYR A 13 -9.46 -12.12 24.94
CA TYR A 13 -9.78 -11.03 24.01
C TYR A 13 -11.21 -10.48 24.24
N SER A 14 -11.65 -9.57 23.36
CA SER A 14 -12.86 -8.79 23.61
C SER A 14 -14.13 -9.61 23.67
N SER A 15 -14.13 -10.79 23.07
CA SER A 15 -15.31 -11.61 23.05
C SER A 15 -14.96 -13.12 23.10
N VAL A 16 -15.97 -13.96 22.91
CA VAL A 16 -15.76 -15.39 23.02
C VAL A 16 -15.69 -16.03 21.64
N VAL A 17 -15.06 -17.19 21.59
CA VAL A 17 -15.21 -18.11 20.48
C VAL A 17 -16.26 -19.15 20.84
N CYS A 18 -16.75 -19.85 19.81
CA CYS A 18 -17.64 -20.99 20.03
C CYS A 18 -16.88 -22.27 19.76
N VAL A 19 -16.90 -23.14 20.76
CA VAL A 19 -16.12 -24.38 20.76
C VAL A 19 -16.92 -25.55 20.18
N CYS A 20 -16.32 -26.24 19.20
CA CYS A 20 -16.92 -27.40 18.57
C CYS A 20 -15.95 -28.59 18.62
N ASN A 21 -16.46 -29.81 18.57
CA ASN A 21 -15.61 -31.00 18.59
C ASN A 21 -16.25 -32.12 17.78
N ALA A 22 -15.76 -33.36 17.95
CA ALA A 22 -16.31 -34.52 17.22
C ALA A 22 -17.82 -34.74 17.42
N THR A 23 -18.37 -34.28 18.54
CA THR A 23 -19.78 -34.58 18.87
C THR A 23 -20.66 -33.35 19.12
N TYR A 24 -20.09 -32.15 19.08
CA TYR A 24 -20.90 -30.97 19.31
C TYR A 24 -20.45 -29.79 18.45
N CYS A 25 -21.42 -29.13 17.82
CA CYS A 25 -21.19 -27.81 17.26
C CYS A 25 -22.48 -27.00 17.31
N ASP A 26 -22.36 -25.71 17.53
CA ASP A 26 -23.52 -24.83 17.51
C ASP A 26 -24.11 -24.81 16.11
N SER A 27 -25.43 -24.75 16.03
CA SER A 27 -26.12 -24.81 14.77
C SER A 27 -27.51 -24.17 14.93
N PHE A 28 -28.20 -24.06 13.81
CA PHE A 28 -29.53 -23.48 13.75
C PHE A 28 -30.59 -24.55 13.52
N ASP A 29 -31.80 -24.26 14.02
CA ASP A 29 -33.03 -24.96 13.64
C ASP A 29 -33.33 -24.86 12.15
N PRO A 34 -41.34 -16.69 8.55
CA PRO A 34 -41.93 -15.70 9.47
C PRO A 34 -43.24 -15.13 8.92
N ALA A 35 -44.33 -15.35 9.68
CA ALA A 35 -45.66 -14.85 9.34
C ALA A 35 -45.68 -13.33 9.12
N LEU A 36 -46.30 -12.89 8.02
CA LEU A 36 -46.51 -11.44 7.85
C LEU A 36 -47.55 -11.05 8.90
N GLY A 37 -47.61 -9.78 9.32
CA GLY A 37 -46.51 -8.84 9.26
C GLY A 37 -45.77 -8.91 10.58
N THR A 38 -44.97 -9.96 10.72
CA THR A 38 -43.92 -10.02 11.74
C THR A 38 -42.54 -10.04 11.06
N PHE A 39 -41.51 -9.59 11.78
CA PHE A 39 -40.12 -9.76 11.29
C PHE A 39 -39.31 -10.75 12.14
N SER A 40 -38.24 -11.29 11.54
CA SER A 40 -37.22 -12.04 12.27
C SER A 40 -36.00 -11.17 12.47
N ARG A 41 -35.38 -11.34 13.64
CA ARG A 41 -34.14 -10.68 13.99
C ARG A 41 -33.13 -11.76 14.40
N TYR A 42 -31.94 -11.68 13.80
CA TYR A 42 -30.80 -12.48 14.25
C TYR A 42 -29.82 -11.50 14.86
N GLU A 43 -29.42 -11.74 16.11
CA GLU A 43 -28.49 -10.84 16.80
C GLU A 43 -27.23 -11.55 17.28
N SER A 44 -26.09 -10.94 17.01
CA SER A 44 -24.84 -11.33 17.63
C SER A 44 -24.27 -10.15 18.38
N THR A 45 -23.76 -10.40 19.59
CA THR A 45 -23.21 -9.32 20.42
C THR A 45 -21.79 -9.65 20.93
N ARG A 46 -21.02 -8.60 21.19
CA ARG A 46 -19.73 -8.74 21.89
C ARG A 46 -19.91 -9.49 23.23
N SER A 47 -21.03 -9.21 23.91
CA SER A 47 -21.37 -9.90 25.19
C SER A 47 -21.58 -11.44 25.06
N GLY A 48 -21.78 -11.94 23.83
CA GLY A 48 -21.77 -13.38 23.64
C GLY A 48 -22.92 -13.99 22.90
N ARG A 49 -23.94 -13.20 22.55
CA ARG A 49 -25.01 -13.74 21.71
C ARG A 49 -24.48 -14.08 20.32
N ARG A 50 -24.91 -15.22 19.81
CA ARG A 50 -24.41 -15.72 18.53
C ARG A 50 -25.56 -16.03 17.59
N MET A 51 -25.88 -15.07 16.71
CA MET A 51 -26.96 -15.18 15.71
C MET A 51 -28.27 -15.67 16.35
N GLU A 52 -28.64 -15.10 17.50
CA GLU A 52 -29.84 -15.56 18.21
C GLU A 52 -31.08 -15.00 17.53
N LEU A 53 -32.11 -15.85 17.41
CA LEU A 53 -33.37 -15.50 16.73
C LEU A 53 -34.39 -14.91 17.69
N SER A 54 -35.03 -13.83 17.28
CA SER A 54 -36.17 -13.27 17.96
C SER A 54 -37.09 -12.70 16.88
N MET A 55 -38.31 -12.32 17.30
CA MET A 55 -39.27 -11.77 16.37
CA MET A 55 -39.37 -11.83 16.40
C MET A 55 -39.96 -10.55 16.94
N GLY A 56 -40.49 -9.74 16.03
CA GLY A 56 -41.20 -8.55 16.41
C GLY A 56 -42.39 -8.32 15.51
N PRO A 57 -43.30 -7.41 15.93
CA PRO A 57 -44.38 -6.96 15.07
C PRO A 57 -43.92 -5.84 14.13
N ILE A 58 -44.55 -5.81 12.97
CA ILE A 58 -44.46 -4.69 12.05
C ILE A 58 -45.69 -3.78 12.29
N GLN A 59 -45.49 -2.54 12.75
CA GLN A 59 -46.60 -1.62 13.01
C GLN A 59 -47.03 -0.84 11.77
N ALA A 60 -48.31 -0.49 11.74
CA ALA A 60 -48.87 0.30 10.66
C ALA A 60 -48.36 1.74 10.69
N ASN A 61 -48.20 2.30 11.89
CA ASN A 61 -47.69 3.69 12.04
C ASN A 61 -46.46 3.76 12.95
N HIS A 62 -45.79 4.90 12.89
CA HIS A 62 -44.65 5.25 13.72
C HIS A 62 -44.73 6.74 13.97
N THR A 63 -44.42 7.15 15.20
CA THR A 63 -44.24 8.53 15.57
C THR A 63 -42.96 8.63 16.41
N GLY A 64 -42.17 9.67 16.18
CA GLY A 64 -40.97 9.95 16.96
C GLY A 64 -39.91 10.69 16.19
N THR A 65 -38.89 11.16 16.89
CA THR A 65 -37.79 11.89 16.26
C THR A 65 -36.50 11.07 16.19
N GLY A 66 -36.55 9.82 16.64
CA GLY A 66 -35.37 8.95 16.64
C GLY A 66 -34.93 8.56 15.23
N LEU A 67 -33.82 7.85 15.13
CA LEU A 67 -33.31 7.43 13.83
C LEU A 67 -34.35 6.58 13.06
N LEU A 68 -34.55 6.91 11.79
CA LEU A 68 -35.40 6.12 10.91
C LEU A 68 -34.61 5.76 9.66
N LEU A 69 -34.66 4.48 9.32
CA LEU A 69 -34.05 3.94 8.10
C LEU A 69 -35.18 3.50 7.18
N THR A 70 -35.28 4.19 6.04
CA THR A 70 -36.39 3.97 5.11
C THR A 70 -35.91 3.19 3.89
N LEU A 71 -36.49 2.01 3.71
CA LEU A 71 -36.30 1.20 2.53
C LEU A 71 -36.79 1.92 1.26
N GLN A 72 -36.02 1.83 0.18
CA GLN A 72 -36.43 2.40 -1.10
C GLN A 72 -36.37 1.27 -2.09
N PRO A 73 -37.41 0.42 -2.09
CA PRO A 73 -37.43 -0.84 -2.81
C PRO A 73 -37.40 -0.72 -4.32
N GLU A 74 -37.80 0.46 -4.84
CA GLU A 74 -37.78 0.83 -6.26
CA GLU A 74 -37.74 0.70 -6.29
C GLU A 74 -36.38 1.24 -6.76
N GLN A 75 -35.49 1.56 -5.83
CA GLN A 75 -34.13 1.95 -6.17
C GLN A 75 -33.27 0.69 -6.13
N LYS A 76 -32.88 0.23 -7.31
CA LYS A 76 -32.33 -1.11 -7.48
C LYS A 76 -30.89 -0.99 -7.86
N PHE A 77 -30.06 -1.77 -7.20
CA PHE A 77 -28.64 -1.73 -7.49
C PHE A 77 -28.17 -3.11 -7.98
N GLN A 78 -27.02 -3.59 -7.47
CA GLN A 78 -26.41 -4.82 -7.97
C GLN A 78 -27.11 -6.09 -7.47
N LYS A 79 -27.03 -7.16 -8.26
CA LYS A 79 -27.41 -8.49 -7.82
C LYS A 79 -26.23 -9.19 -7.15
N VAL A 80 -26.53 -9.96 -6.12
CA VAL A 80 -25.49 -10.62 -5.33
C VAL A 80 -25.09 -11.92 -6.00
N LYS A 81 -23.79 -12.15 -6.13
CA LYS A 81 -23.26 -13.44 -6.57
C LYS A 81 -23.14 -14.36 -5.34
N GLY A 82 -22.56 -13.86 -4.24
CA GLY A 82 -22.47 -14.72 -3.05
C GLY A 82 -21.29 -14.47 -2.13
N PHE A 83 -21.05 -15.43 -1.23
CA PHE A 83 -20.10 -15.28 -0.12
C PHE A 83 -19.41 -16.60 0.10
N GLY A 84 -18.16 -16.54 0.57
CA GLY A 84 -17.44 -17.77 0.88
C GLY A 84 -16.03 -17.52 1.35
N GLY A 85 -15.18 -18.52 1.10
CA GLY A 85 -13.81 -18.54 1.56
C GLY A 85 -12.90 -19.43 0.70
N ALA A 86 -11.65 -19.57 1.13
CA ALA A 86 -10.64 -20.18 0.28
C ALA A 86 -10.19 -21.53 0.79
N MET A 87 -10.18 -22.51 -0.12
CA MET A 87 -9.69 -23.85 0.15
C MET A 87 -8.19 -23.92 -0.26
N THR A 88 -7.35 -23.26 0.54
CA THR A 88 -5.88 -23.31 0.38
C THR A 88 -5.34 -24.65 0.87
N ASP A 89 -4.05 -24.89 0.61
CA ASP A 89 -3.42 -26.09 1.16
C ASP A 89 -3.50 -26.08 2.67
N ALA A 90 -3.31 -24.90 3.30
CA ALA A 90 -3.30 -24.78 4.77
C ALA A 90 -4.67 -25.09 5.36
N ALA A 91 -5.72 -24.56 4.71
CA ALA A 91 -7.09 -24.80 5.15
C ALA A 91 -7.47 -26.29 5.06
N ALA A 92 -7.19 -26.92 3.91
CA ALA A 92 -7.39 -28.35 3.74
C ALA A 92 -6.65 -29.18 4.81
N LEU A 93 -5.37 -28.88 5.04
CA LEU A 93 -4.63 -29.61 6.10
C LEU A 93 -5.20 -29.45 7.49
N ASN A 94 -5.57 -28.24 7.84
CA ASN A 94 -6.25 -28.00 9.12
C ASN A 94 -7.58 -28.74 9.29
N ILE A 95 -8.42 -28.65 8.25
CA ILE A 95 -9.71 -29.35 8.29
C ILE A 95 -9.48 -30.86 8.45
N LEU A 96 -8.52 -31.40 7.70
CA LEU A 96 -8.29 -32.85 7.67
C LEU A 96 -7.55 -33.39 8.91
N ALA A 97 -6.97 -32.49 9.69
CA ALA A 97 -6.36 -32.82 10.96
C ALA A 97 -7.40 -33.15 12.03
N LEU A 98 -8.67 -32.75 11.81
CA LEU A 98 -9.74 -33.11 12.73
C LEU A 98 -10.17 -34.57 12.49
N SER A 99 -10.77 -35.20 13.50
CA SER A 99 -11.35 -36.51 13.28
C SER A 99 -12.54 -36.31 12.31
N PRO A 100 -12.86 -37.33 11.48
CA PRO A 100 -13.92 -37.14 10.48
C PRO A 100 -15.27 -36.58 10.96
N PRO A 101 -15.78 -37.03 12.14
CA PRO A 101 -16.97 -36.37 12.66
C PRO A 101 -16.81 -34.86 12.91
N ALA A 102 -15.68 -34.43 13.46
CA ALA A 102 -15.44 -32.97 13.66
C ALA A 102 -15.28 -32.26 12.28
N GLN A 103 -14.64 -32.93 11.32
CA GLN A 103 -14.49 -32.42 9.91
C GLN A 103 -15.85 -32.09 9.32
N ASN A 104 -16.79 -33.04 9.49
CA ASN A 104 -18.16 -32.82 9.02
C ASN A 104 -18.88 -31.66 9.67
N LEU A 105 -18.72 -31.47 10.97
CA LEU A 105 -19.35 -30.33 11.64
C LEU A 105 -18.72 -28.99 11.15
N LEU A 106 -17.42 -29.00 10.85
CA LEU A 106 -16.78 -27.79 10.36
C LEU A 106 -17.33 -27.45 8.98
N LEU A 107 -17.33 -28.45 8.10
CA LEU A 107 -17.86 -28.27 6.75
C LEU A 107 -19.33 -27.86 6.77
N LYS A 108 -20.13 -28.46 7.66
CA LYS A 108 -21.54 -28.05 7.77
C LYS A 108 -21.72 -26.62 8.28
N SER A 109 -20.93 -26.24 9.30
CA SER A 109 -20.88 -24.84 9.78
C SER A 109 -20.84 -23.83 8.63
N TYR A 110 -19.98 -24.09 7.64
CA TYR A 110 -19.83 -23.20 6.52
C TYR A 110 -20.88 -23.39 5.37
N PHE A 111 -21.09 -24.63 4.94
CA PHE A 111 -21.72 -24.93 3.65
C PHE A 111 -23.17 -25.43 3.71
N SER A 112 -23.65 -25.73 4.92
CA SER A 112 -24.98 -26.28 5.08
C SER A 112 -25.94 -25.12 5.38
N GLU A 113 -27.24 -25.33 5.14
CA GLU A 113 -28.28 -24.42 5.64
C GLU A 113 -28.40 -24.49 7.15
N GLU A 114 -27.86 -25.55 7.73
CA GLU A 114 -27.79 -25.65 9.19
C GLU A 114 -26.62 -24.81 9.73
N GLY A 115 -25.76 -24.35 8.81
CA GLY A 115 -24.68 -23.43 9.15
C GLY A 115 -24.96 -22.09 8.51
N ILE A 116 -23.97 -21.56 7.78
CA ILE A 116 -24.07 -20.21 7.23
C ILE A 116 -24.15 -20.11 5.70
N GLY A 117 -24.34 -21.25 5.05
CA GLY A 117 -24.73 -21.28 3.64
C GLY A 117 -23.78 -20.58 2.68
N TYR A 118 -22.48 -20.73 2.91
CA TYR A 118 -21.49 -20.34 1.88
C TYR A 118 -21.84 -20.87 0.48
N ASN A 119 -21.62 -20.05 -0.57
CA ASN A 119 -21.82 -20.55 -1.93
C ASN A 119 -20.63 -20.23 -2.85
N ILE A 120 -19.50 -19.83 -2.26
CA ILE A 120 -18.26 -19.54 -3.03
C ILE A 120 -17.08 -20.23 -2.39
N ILE A 121 -16.24 -20.86 -3.23
CA ILE A 121 -14.96 -21.40 -2.77
C ILE A 121 -13.87 -20.95 -3.72
N ARG A 122 -12.90 -20.25 -3.15
CA ARG A 122 -11.72 -19.84 -3.93
C ARG A 122 -10.66 -20.89 -3.81
N VAL A 123 -10.10 -21.26 -4.97
CA VAL A 123 -9.15 -22.37 -5.11
C VAL A 123 -7.85 -21.86 -5.73
N PRO A 124 -6.74 -21.85 -4.96
CA PRO A 124 -5.48 -21.49 -5.61
C PRO A 124 -5.11 -22.49 -6.69
N MET A 125 -4.51 -21.99 -7.77
CA MET A 125 -3.97 -22.84 -8.82
C MET A 125 -2.52 -23.11 -8.42
N ALA A 126 -2.33 -24.29 -7.81
CA ALA A 126 -1.06 -24.73 -7.22
C ALA A 126 -0.70 -23.93 -5.94
N SER A 127 0.59 -23.73 -5.67
CA SER A 127 1.03 -23.31 -4.35
C SER A 127 0.93 -21.76 -4.15
N CYS A 128 0.65 -21.37 -2.92
CA CYS A 128 0.78 -19.98 -2.49
C CYS A 128 1.54 -19.95 -1.16
N ASP A 129 1.54 -18.82 -0.44
CA ASP A 129 2.17 -18.79 0.91
C ASP A 129 1.50 -19.77 1.85
N PHE A 130 0.19 -19.98 1.69
CA PHE A 130 -0.56 -20.87 2.54
C PHE A 130 -0.48 -22.30 2.00
N SER A 131 0.76 -22.72 1.75
CA SER A 131 1.14 -24.06 1.29
C SER A 131 2.37 -24.46 2.14
N ILE A 132 2.61 -25.75 2.33
CA ILE A 132 3.86 -26.14 3.00
C ILE A 132 4.95 -26.57 2.01
N ARG A 133 4.58 -26.71 0.75
CA ARG A 133 5.48 -27.13 -0.33
C ARG A 133 5.36 -26.12 -1.48
N THR A 134 6.44 -25.87 -2.17
CA THR A 134 6.39 -24.96 -3.30
C THR A 134 6.41 -25.81 -4.57
N TYR A 135 5.39 -25.61 -5.41
CA TYR A 135 5.17 -26.40 -6.61
C TYR A 135 4.25 -25.62 -7.57
N THR A 136 4.37 -25.90 -8.87
CA THR A 136 3.33 -25.54 -9.81
C THR A 136 2.85 -26.86 -10.40
N TYR A 137 1.95 -26.78 -11.38
CA TYR A 137 1.42 -27.96 -12.04
C TYR A 137 2.26 -28.36 -13.25
N ALA A 138 3.27 -27.58 -13.60
CA ALA A 138 4.11 -27.87 -14.76
C ALA A 138 5.55 -27.49 -14.47
N ASP A 139 6.15 -28.17 -13.49
CA ASP A 139 7.51 -27.84 -13.07
C ASP A 139 8.63 -28.37 -13.97
N THR A 140 8.33 -29.32 -14.85
CA THR A 140 9.32 -29.81 -15.83
C THR A 140 9.68 -28.66 -16.75
N PRO A 141 10.97 -28.29 -16.79
CA PRO A 141 11.40 -27.10 -17.57
C PRO A 141 11.08 -27.16 -19.07
N ASP A 142 10.73 -26.01 -19.65
CA ASP A 142 10.57 -25.87 -21.09
C ASP A 142 9.54 -26.77 -21.70
N ASP A 143 8.53 -27.15 -20.91
CA ASP A 143 7.46 -28.00 -21.37
C ASP A 143 6.33 -27.16 -22.01
N PHE A 144 6.65 -26.49 -23.13
CA PHE A 144 5.71 -25.52 -23.71
C PHE A 144 4.35 -26.09 -24.11
N GLN A 145 4.33 -27.37 -24.49
CA GLN A 145 3.03 -27.98 -24.81
C GLN A 145 2.34 -28.57 -23.58
N LEU A 146 3.03 -28.51 -22.43
CA LEU A 146 2.42 -28.87 -21.13
C LEU A 146 2.03 -30.35 -21.06
N HIS A 147 2.86 -31.18 -21.67
CA HIS A 147 2.69 -32.63 -21.65
C HIS A 147 2.78 -33.17 -20.22
N ASN A 148 3.58 -32.52 -19.37
CA ASN A 148 3.76 -32.94 -17.98
C ASN A 148 2.97 -32.16 -16.95
N PHE A 149 1.99 -31.39 -17.39
CA PHE A 149 1.05 -30.75 -16.49
C PHE A 149 0.33 -31.85 -15.73
N SER A 150 0.28 -31.74 -14.39
CA SER A 150 -0.62 -32.62 -13.62
C SER A 150 -0.92 -32.03 -12.25
N LEU A 151 -2.07 -32.38 -11.70
CA LEU A 151 -2.40 -32.07 -10.30
C LEU A 151 -1.66 -33.01 -9.33
N PRO A 152 -1.01 -32.44 -8.33
CA PRO A 152 -0.39 -33.32 -7.35
C PRO A 152 -1.40 -33.67 -6.25
N GLU A 153 -0.96 -34.36 -5.19
CA GLU A 153 -1.86 -34.80 -4.13
C GLU A 153 -2.54 -33.68 -3.33
N GLU A 154 -1.93 -32.48 -3.31
CA GLU A 154 -2.55 -31.32 -2.64
C GLU A 154 -3.92 -31.05 -3.22
N ASP A 155 -4.05 -31.25 -4.52
CA ASP A 155 -5.35 -31.20 -5.16
C ASP A 155 -6.07 -32.54 -5.07
N THR A 156 -5.47 -33.63 -5.55
CA THR A 156 -6.26 -34.85 -5.70
C THR A 156 -6.69 -35.57 -4.42
N LYS A 157 -5.90 -35.49 -3.38
CA LYS A 157 -6.20 -36.16 -2.13
C LYS A 157 -6.74 -35.20 -1.08
N LEU A 158 -6.40 -33.92 -1.21
CA LEU A 158 -6.73 -32.93 -0.17
C LEU A 158 -7.86 -31.97 -0.60
N LYS A 159 -7.55 -31.02 -1.49
CA LYS A 159 -8.52 -29.97 -1.83
C LYS A 159 -9.77 -30.52 -2.54
N ILE A 160 -9.56 -31.33 -3.56
CA ILE A 160 -10.68 -31.81 -4.40
C ILE A 160 -11.73 -32.63 -3.59
N PRO A 161 -11.28 -33.64 -2.80
CA PRO A 161 -12.27 -34.36 -1.99
C PRO A 161 -13.00 -33.47 -0.95
N LEU A 162 -12.32 -32.48 -0.38
CA LEU A 162 -12.97 -31.55 0.53
C LEU A 162 -13.99 -30.67 -0.18
N ILE A 163 -13.65 -30.19 -1.37
CA ILE A 163 -14.57 -29.38 -2.15
C ILE A 163 -15.84 -30.20 -2.49
N HIS A 164 -15.64 -31.45 -2.97
CA HIS A 164 -16.77 -32.38 -3.15
C HIS A 164 -17.67 -32.54 -1.93
N ARG A 165 -17.07 -32.70 -0.76
CA ARG A 165 -17.87 -32.76 0.49
C ARG A 165 -18.65 -31.47 0.78
N ALA A 166 -18.05 -30.31 0.54
CA ALA A 166 -18.73 -29.03 0.69
C ALA A 166 -19.95 -28.91 -0.22
N LEU A 167 -19.77 -29.28 -1.48
CA LEU A 167 -20.85 -29.29 -2.49
C LEU A 167 -22.01 -30.22 -2.09
N GLN A 168 -21.68 -31.39 -1.52
CA GLN A 168 -22.71 -32.34 -1.06
C GLN A 168 -23.54 -31.78 0.08
N LEU A 169 -22.88 -31.01 0.97
CA LEU A 169 -23.56 -30.39 2.10
C LEU A 169 -24.43 -29.21 1.73
N ALA A 170 -23.99 -28.46 0.71
CA ALA A 170 -24.66 -27.23 0.30
C ALA A 170 -25.98 -27.51 -0.39
N GLN A 171 -27.02 -26.77 -0.05
CA GLN A 171 -28.29 -26.85 -0.78
CA GLN A 171 -28.27 -26.86 -0.82
C GLN A 171 -28.33 -25.81 -1.92
N ARG A 172 -27.58 -24.72 -1.74
CA ARG A 172 -27.38 -23.67 -2.74
C ARG A 172 -26.32 -24.14 -3.74
N PRO A 173 -26.47 -23.78 -5.03
CA PRO A 173 -25.36 -24.07 -5.94
C PRO A 173 -24.10 -23.31 -5.50
N VAL A 174 -22.96 -24.00 -5.54
CA VAL A 174 -21.68 -23.44 -5.11
C VAL A 174 -20.85 -23.05 -6.32
N SER A 175 -20.29 -21.84 -6.30
CA SER A 175 -19.46 -21.34 -7.40
C SER A 175 -17.99 -21.39 -6.98
N LEU A 176 -17.16 -22.06 -7.78
CA LEU A 176 -15.70 -22.10 -7.57
C LEU A 176 -15.03 -21.01 -8.36
N LEU A 177 -14.01 -20.43 -7.73
CA LEU A 177 -13.19 -19.35 -8.28
C LEU A 177 -11.74 -19.79 -8.18
N ALA A 178 -11.01 -19.77 -9.30
CA ALA A 178 -9.61 -20.17 -9.29
C ALA A 178 -8.74 -18.93 -9.49
N SER A 179 -7.60 -18.89 -8.79
CA SER A 179 -6.60 -17.82 -8.92
C SER A 179 -5.20 -18.43 -8.86
N PRO A 180 -4.30 -18.09 -9.83
CA PRO A 180 -2.90 -18.52 -9.69
C PRO A 180 -2.02 -17.50 -8.95
N TRP A 181 -1.01 -17.99 -8.24
CA TRP A 181 -0.02 -17.10 -7.61
C TRP A 181 1.20 -16.98 -8.51
N THR A 182 1.75 -18.12 -8.92
CA THR A 182 2.92 -18.09 -9.80
C THR A 182 2.71 -19.08 -10.94
N SER A 183 3.31 -18.74 -12.08
CA SER A 183 3.54 -19.71 -13.15
C SER A 183 4.75 -20.59 -12.84
N PRO A 184 4.92 -21.71 -13.59
CA PRO A 184 6.25 -22.38 -13.60
C PRO A 184 7.41 -21.37 -13.72
N THR A 185 8.54 -21.65 -13.07
CA THR A 185 9.63 -20.64 -13.02
C THR A 185 10.31 -20.43 -14.39
N TRP A 186 10.20 -21.43 -15.26
CA TRP A 186 10.79 -21.40 -16.59
C TRP A 186 10.02 -20.53 -17.58
N LEU A 187 8.87 -20.00 -17.12
CA LEU A 187 8.10 -19.02 -17.88
C LEU A 187 8.40 -17.59 -17.44
N LYS A 188 9.23 -17.47 -16.39
CA LYS A 188 9.43 -16.20 -15.66
C LYS A 188 10.80 -15.58 -15.86
N THR A 189 10.82 -14.27 -16.01
CA THR A 189 12.07 -13.50 -16.18
C THR A 189 13.14 -13.76 -15.12
N ASN A 190 12.71 -14.03 -13.89
CA ASN A 190 13.64 -14.18 -12.76
C ASN A 190 13.91 -15.63 -12.36
N GLY A 191 13.20 -16.56 -13.01
CA GLY A 191 13.43 -17.98 -12.77
C GLY A 191 13.16 -18.46 -11.37
N ALA A 192 12.23 -17.79 -10.65
CA ALA A 192 11.93 -18.12 -9.27
C ALA A 192 10.43 -17.90 -9.01
N VAL A 193 9.89 -18.57 -7.99
CA VAL A 193 8.44 -18.55 -7.74
C VAL A 193 8.03 -17.21 -7.12
N ASN A 194 8.99 -16.60 -6.47
CA ASN A 194 8.84 -15.34 -5.76
C ASN A 194 9.79 -14.29 -6.31
N GLY A 195 9.86 -13.12 -5.66
CA GLY A 195 10.71 -12.00 -6.09
C GLY A 195 10.10 -11.22 -7.25
N LYS A 196 10.77 -10.15 -7.69
CA LYS A 196 10.31 -9.34 -8.80
C LYS A 196 10.54 -10.10 -10.13
N GLY A 197 9.46 -10.30 -10.88
CA GLY A 197 9.53 -11.01 -12.13
C GLY A 197 8.19 -11.25 -12.75
N SER A 198 8.15 -11.18 -14.08
CA SER A 198 6.93 -11.34 -14.82
C SER A 198 7.16 -12.53 -15.77
N LEU A 199 6.17 -12.79 -16.60
CA LEU A 199 6.35 -13.74 -17.69
C LEU A 199 7.37 -13.17 -18.67
N LYS A 200 8.21 -14.05 -19.21
CA LYS A 200 9.21 -13.64 -20.21
C LYS A 200 8.50 -13.19 -21.46
N GLY A 201 9.19 -12.39 -22.28
CA GLY A 201 8.69 -12.01 -23.58
C GLY A 201 7.54 -11.01 -23.48
N GLN A 202 6.57 -11.11 -24.40
CA GLN A 202 5.45 -10.16 -24.48
CA GLN A 202 5.43 -10.17 -24.46
C GLN A 202 4.15 -10.91 -24.81
N PRO A 203 2.99 -10.39 -24.37
CA PRO A 203 1.74 -11.05 -24.76
C PRO A 203 1.66 -11.37 -26.26
N GLY A 204 1.03 -12.51 -26.57
CA GLY A 204 0.97 -13.02 -27.95
C GLY A 204 2.10 -14.01 -28.28
N ASP A 205 3.10 -14.15 -27.41
CA ASP A 205 4.25 -15.03 -27.70
C ASP A 205 4.18 -16.43 -27.08
N ILE A 206 5.19 -17.27 -27.30
CA ILE A 206 5.13 -18.64 -26.84
C ILE A 206 4.95 -18.70 -25.32
N TYR A 207 5.63 -17.84 -24.57
CA TYR A 207 5.53 -17.90 -23.08
C TYR A 207 4.11 -17.60 -22.63
N HIS A 208 3.56 -16.51 -23.17
CA HIS A 208 2.16 -16.15 -22.87
C HIS A 208 1.12 -17.14 -23.36
N GLN A 209 1.27 -17.72 -24.56
CA GLN A 209 0.30 -18.74 -25.00
C GLN A 209 0.38 -19.96 -24.09
N THR A 210 1.59 -20.32 -23.66
CA THR A 210 1.77 -21.48 -22.77
C THR A 210 1.07 -21.22 -21.41
N TRP A 211 1.27 -20.01 -20.89
CA TRP A 211 0.65 -19.64 -19.61
C TRP A 211 -0.89 -19.62 -19.72
N ALA A 212 -1.43 -19.04 -20.81
CA ALA A 212 -2.88 -19.14 -21.11
C ALA A 212 -3.34 -20.59 -21.19
N ARG A 213 -2.59 -21.44 -21.88
CA ARG A 213 -3.00 -22.85 -21.98
C ARG A 213 -2.97 -23.58 -20.62
N TYR A 214 -2.11 -23.12 -19.72
CA TYR A 214 -2.03 -23.67 -18.37
C TYR A 214 -3.39 -23.53 -17.63
N PHE A 215 -4.06 -22.39 -17.81
CA PHE A 215 -5.38 -22.18 -17.23
C PHE A 215 -6.36 -23.24 -17.73
N VAL A 216 -6.35 -23.50 -19.03
CA VAL A 216 -7.27 -24.49 -19.63
C VAL A 216 -6.92 -25.89 -19.14
N LYS A 217 -5.62 -26.16 -18.98
CA LYS A 217 -5.15 -27.43 -18.47
C LYS A 217 -5.59 -27.61 -17.04
N PHE A 218 -5.48 -26.55 -16.22
CA PHE A 218 -6.01 -26.61 -14.84
C PHE A 218 -7.50 -26.96 -14.84
N LEU A 219 -8.28 -26.26 -15.69
CA LEU A 219 -9.71 -26.47 -15.71
C LEU A 219 -10.03 -27.86 -16.21
N ASP A 220 -9.27 -28.32 -17.20
CA ASP A 220 -9.43 -29.70 -17.74
C ASP A 220 -9.28 -30.70 -16.60
N ALA A 221 -8.22 -30.50 -15.81
CA ALA A 221 -7.85 -31.46 -14.78
C ALA A 221 -8.90 -31.52 -13.66
N TYR A 222 -9.38 -30.36 -13.23
CA TYR A 222 -10.44 -30.32 -12.24
C TYR A 222 -11.75 -30.91 -12.78
N ALA A 223 -12.06 -30.65 -14.06
CA ALA A 223 -13.26 -31.20 -14.67
C ALA A 223 -13.19 -32.75 -14.75
N GLU A 224 -11.98 -33.30 -14.89
CA GLU A 224 -11.77 -34.77 -14.80
C GLU A 224 -12.17 -35.30 -13.42
N HIS A 225 -12.09 -34.43 -12.41
CA HIS A 225 -12.47 -34.77 -11.05
C HIS A 225 -13.85 -34.21 -10.73
N LYS A 226 -14.63 -33.92 -11.77
CA LYS A 226 -16.05 -33.53 -11.67
C LYS A 226 -16.31 -32.20 -10.96
N LEU A 227 -15.36 -31.28 -11.11
CA LEU A 227 -15.53 -29.93 -10.58
C LEU A 227 -15.42 -28.95 -11.72
N GLN A 228 -16.40 -28.04 -11.75
CA GLN A 228 -16.52 -27.00 -12.76
CA GLN A 228 -16.44 -27.00 -12.77
C GLN A 228 -16.36 -25.63 -12.09
N PHE A 229 -15.74 -24.69 -12.78
CA PHE A 229 -15.49 -23.37 -12.22
C PHE A 229 -16.50 -22.36 -12.70
N TRP A 230 -16.92 -21.48 -11.79
CA TRP A 230 -17.68 -20.28 -12.12
C TRP A 230 -16.78 -19.23 -12.79
N ALA A 231 -15.58 -19.02 -12.22
CA ALA A 231 -14.67 -17.95 -12.66
C ALA A 231 -13.23 -18.26 -12.36
N VAL A 232 -12.34 -17.55 -13.06
CA VAL A 232 -10.92 -17.52 -12.70
C VAL A 232 -10.52 -16.06 -12.64
N THR A 233 -9.49 -15.72 -11.85
CA THR A 233 -8.89 -14.40 -11.95
C THR A 233 -7.66 -14.53 -12.82
N ALA A 234 -7.20 -13.41 -13.34
CA ALA A 234 -6.13 -13.33 -14.33
C ALA A 234 -4.76 -13.54 -13.70
N GLU A 235 -4.71 -13.34 -12.37
CA GLU A 235 -3.50 -13.49 -11.53
C GLU A 235 -3.89 -12.99 -10.14
N ASN A 236 -3.52 -13.72 -9.08
CA ASN A 236 -3.58 -13.14 -7.74
C ASN A 236 -2.57 -11.97 -7.59
N GLU A 237 -3.06 -10.81 -7.14
CA GLU A 237 -2.21 -9.63 -6.83
C GLU A 237 -1.07 -9.48 -7.81
N PRO A 238 -1.42 -9.14 -9.09
CA PRO A 238 -0.36 -8.99 -10.09
C PRO A 238 0.66 -7.92 -9.72
N SER A 239 0.24 -6.91 -8.94
CA SER A 239 1.15 -5.89 -8.51
C SER A 239 2.30 -6.44 -7.66
N ALA A 240 2.06 -7.57 -6.94
CA ALA A 240 3.10 -8.15 -6.07
C ALA A 240 4.39 -8.49 -6.83
N GLY A 241 4.26 -9.02 -8.05
CA GLY A 241 5.41 -9.44 -8.84
C GLY A 241 6.21 -8.25 -9.36
N LEU A 242 5.72 -7.04 -9.12
CA LEU A 242 6.47 -5.83 -9.46
C LEU A 242 7.41 -5.37 -8.35
N LEU A 243 7.39 -6.05 -7.20
CA LEU A 243 8.05 -5.53 -6.03
C LEU A 243 9.30 -6.35 -5.72
N SER A 244 10.46 -5.67 -5.69
CA SER A 244 11.75 -6.30 -5.38
C SER A 244 11.69 -7.10 -4.08
N GLY A 245 12.13 -8.36 -4.13
CA GLY A 245 12.16 -9.26 -2.98
C GLY A 245 10.83 -9.83 -2.51
N TYR A 246 9.75 -9.62 -3.27
CA TYR A 246 8.45 -10.12 -2.83
C TYR A 246 8.59 -11.57 -2.34
N PRO A 247 8.24 -11.85 -1.08
CA PRO A 247 8.67 -13.08 -0.44
C PRO A 247 8.03 -14.43 -0.82
N PHE A 248 6.87 -14.43 -1.46
CA PHE A 248 6.37 -15.75 -1.84
C PHE A 248 5.77 -15.68 -3.25
N GLN A 249 5.07 -16.75 -3.64
CA GLN A 249 4.67 -16.94 -5.04
C GLN A 249 3.95 -15.72 -5.60
N CYS A 250 4.41 -15.24 -6.75
CA CYS A 250 3.79 -14.11 -7.40
C CYS A 250 4.14 -14.13 -8.87
N LEU A 251 3.53 -13.21 -9.62
CA LEU A 251 3.78 -13.14 -11.05
C LEU A 251 3.39 -11.73 -11.47
N GLY A 252 4.39 -10.91 -11.80
CA GLY A 252 4.17 -9.45 -11.99
C GLY A 252 3.48 -9.11 -13.28
N PHE A 253 2.43 -8.29 -13.18
CA PHE A 253 1.83 -7.63 -14.36
C PHE A 253 1.53 -6.14 -14.04
N THR A 254 2.02 -5.24 -14.89
CA THR A 254 1.48 -3.88 -14.96
C THR A 254 0.05 -3.98 -15.51
N PRO A 255 -0.78 -2.91 -15.38
CA PRO A 255 -2.11 -3.05 -15.99
C PRO A 255 -2.10 -3.18 -17.52
N GLU A 256 -1.09 -2.62 -18.16
CA GLU A 256 -0.94 -2.76 -19.61
C GLU A 256 -0.56 -4.18 -19.99
N HIS A 257 0.29 -4.79 -19.17
CA HIS A 257 0.71 -6.17 -19.44
C HIS A 257 -0.50 -7.08 -19.28
N GLN A 258 -1.26 -6.85 -18.20
CA GLN A 258 -2.47 -7.63 -17.98
C GLN A 258 -3.50 -7.45 -19.14
N ARG A 259 -3.74 -6.19 -19.51
CA ARG A 259 -4.62 -5.89 -20.67
C ARG A 259 -4.24 -6.74 -21.87
N ASP A 260 -2.97 -6.69 -22.27
CA ASP A 260 -2.56 -7.33 -23.52
C ASP A 260 -2.54 -8.84 -23.38
N PHE A 261 -2.20 -9.35 -22.19
CA PHE A 261 -2.26 -10.81 -21.89
C PHE A 261 -3.70 -11.30 -22.03
N ILE A 262 -4.65 -10.60 -21.41
CA ILE A 262 -6.06 -10.94 -21.56
C ILE A 262 -6.52 -10.84 -23.03
N ALA A 263 -6.20 -9.74 -23.70
CA ALA A 263 -6.65 -9.55 -25.11
C ALA A 263 -6.10 -10.63 -26.06
N ARG A 264 -4.80 -10.93 -25.91
CA ARG A 264 -4.07 -11.71 -26.92
C ARG A 264 -4.00 -13.18 -26.59
N ASP A 265 -3.94 -13.51 -25.29
CA ASP A 265 -3.67 -14.88 -24.86
C ASP A 265 -4.77 -15.49 -24.04
N LEU A 266 -5.02 -14.90 -22.87
CA LEU A 266 -5.94 -15.54 -21.90
C LEU A 266 -7.40 -15.55 -22.39
N GLY A 267 -7.91 -14.40 -22.77
CA GLY A 267 -9.29 -14.30 -23.29
C GLY A 267 -9.57 -15.23 -24.46
N PRO A 268 -8.81 -15.11 -25.55
CA PRO A 268 -9.05 -16.02 -26.69
C PRO A 268 -8.83 -17.52 -26.41
N THR A 269 -7.85 -17.87 -25.58
CA THR A 269 -7.60 -19.26 -25.23
C THR A 269 -8.75 -19.89 -24.44
N LEU A 270 -9.26 -19.19 -23.43
CA LEU A 270 -10.50 -19.63 -22.73
C LEU A 270 -11.74 -19.65 -23.68
N ALA A 271 -11.88 -18.64 -24.51
CA ALA A 271 -13.04 -18.54 -25.40
C ALA A 271 -13.12 -19.71 -26.39
N ASN A 272 -11.96 -20.22 -26.78
CA ASN A 272 -11.86 -21.34 -27.74
C ASN A 272 -11.84 -22.71 -27.06
N SER A 273 -12.10 -22.77 -25.76
CA SER A 273 -12.03 -24.03 -25.08
C SER A 273 -13.42 -24.50 -24.68
N THR A 274 -13.50 -25.72 -24.17
CA THR A 274 -14.74 -26.20 -23.61
C THR A 274 -15.14 -25.39 -22.36
N HIS A 275 -14.20 -24.59 -21.85
CA HIS A 275 -14.46 -23.78 -20.64
C HIS A 275 -14.86 -22.36 -20.96
N HIS A 276 -15.42 -22.14 -22.16
CA HIS A 276 -15.71 -20.79 -22.62
C HIS A 276 -16.75 -20.09 -21.74
N ASN A 277 -17.53 -20.84 -20.97
CA ASN A 277 -18.50 -20.17 -20.06
C ASN A 277 -17.91 -19.72 -18.72
N VAL A 278 -16.69 -20.17 -18.41
CA VAL A 278 -16.05 -19.78 -17.14
C VAL A 278 -15.77 -18.26 -17.25
N ARG A 279 -16.18 -17.48 -16.24
CA ARG A 279 -15.94 -16.01 -16.25
C ARG A 279 -14.47 -15.67 -16.01
N LEU A 280 -14.01 -14.54 -16.58
CA LEU A 280 -12.67 -14.03 -16.35
C LEU A 280 -12.78 -12.74 -15.51
N LEU A 281 -12.18 -12.77 -14.32
CA LEU A 281 -12.07 -11.58 -13.49
C LEU A 281 -10.68 -10.98 -13.55
N MET A 282 -10.59 -9.66 -13.70
CA MET A 282 -9.30 -8.96 -13.75
C MET A 282 -8.96 -8.36 -12.38
N LEU A 283 -7.75 -7.83 -12.27
CA LEU A 283 -7.21 -7.09 -11.11
C LEU A 283 -6.84 -8.09 -9.98
N ASP A 284 -7.83 -8.51 -9.19
CA ASP A 284 -7.60 -9.45 -8.05
C ASP A 284 -6.51 -8.87 -7.15
N ASP A 285 -6.71 -7.60 -6.79
CA ASP A 285 -5.68 -6.81 -6.16
C ASP A 285 -6.32 -5.69 -5.33
N GLN A 286 -5.50 -4.89 -4.66
CA GLN A 286 -5.98 -3.80 -3.80
C GLN A 286 -6.87 -2.79 -4.56
N ARG A 287 -7.97 -2.37 -3.94
CA ARG A 287 -8.91 -1.48 -4.66
C ARG A 287 -8.33 -0.07 -4.98
N LEU A 288 -7.27 0.36 -4.28
CA LEU A 288 -6.62 1.65 -4.61
C LEU A 288 -6.16 1.67 -6.07
N LEU A 289 -6.03 0.49 -6.68
CA LEU A 289 -5.61 0.39 -8.11
C LEU A 289 -6.75 0.76 -9.10
N LEU A 290 -7.94 0.99 -8.55
CA LEU A 290 -9.11 1.43 -9.28
C LEU A 290 -9.32 2.93 -9.05
N PRO A 291 -9.85 3.66 -10.07
CA PRO A 291 -10.26 3.11 -11.37
C PRO A 291 -9.16 2.94 -12.42
N HIS A 292 -7.91 3.32 -12.13
CA HIS A 292 -6.85 3.28 -13.18
C HIS A 292 -6.77 1.93 -13.93
N TRP A 293 -6.74 0.83 -13.19
CA TRP A 293 -6.58 -0.48 -13.81
C TRP A 293 -7.77 -0.84 -14.68
N ALA A 294 -8.95 -0.43 -14.25
CA ALA A 294 -10.16 -0.66 -15.03
C ALA A 294 -10.10 0.12 -16.32
N LYS A 295 -9.68 1.40 -16.28
CA LYS A 295 -9.54 2.19 -17.50
C LYS A 295 -8.53 1.54 -18.48
N VAL A 296 -7.35 1.16 -17.99
CA VAL A 296 -6.32 0.58 -18.86
C VAL A 296 -6.85 -0.70 -19.54
N VAL A 297 -7.49 -1.57 -18.79
CA VAL A 297 -7.89 -2.85 -19.38
C VAL A 297 -9.18 -2.66 -20.20
N LEU A 298 -10.17 -1.98 -19.64
CA LEU A 298 -11.52 -2.03 -20.22
C LEU A 298 -11.77 -1.07 -21.38
N THR A 299 -10.86 -0.13 -21.60
CA THR A 299 -11.03 0.80 -22.75
C THR A 299 -10.33 0.26 -24.00
N ASP A 300 -9.73 -0.92 -23.87
CA ASP A 300 -9.23 -1.69 -25.02
C ASP A 300 -10.31 -2.69 -25.36
N PRO A 301 -11.03 -2.48 -26.49
CA PRO A 301 -12.15 -3.36 -26.83
C PRO A 301 -11.77 -4.83 -26.94
N GLU A 302 -10.53 -5.13 -27.36
CA GLU A 302 -10.05 -6.51 -27.46
C GLU A 302 -9.89 -7.18 -26.07
N ALA A 303 -9.49 -6.45 -25.03
CA ALA A 303 -9.50 -7.03 -23.65
C ALA A 303 -10.88 -7.01 -23.05
N ALA A 304 -11.59 -5.89 -23.20
CA ALA A 304 -12.90 -5.74 -22.60
C ALA A 304 -13.86 -6.85 -22.95
N LYS A 305 -13.80 -7.38 -24.20
CA LYS A 305 -14.78 -8.40 -24.58
C LYS A 305 -14.66 -9.70 -23.77
N TYR A 306 -13.51 -9.90 -23.11
CA TYR A 306 -13.26 -11.11 -22.29
C TYR A 306 -13.41 -10.95 -20.78
N VAL A 307 -13.51 -9.72 -20.30
CA VAL A 307 -13.53 -9.48 -18.84
C VAL A 307 -14.98 -9.41 -18.37
N HIS A 308 -15.32 -10.27 -17.43
CA HIS A 308 -16.66 -10.28 -16.83
C HIS A 308 -16.72 -9.36 -15.61
N GLY A 309 -15.62 -9.23 -14.89
CA GLY A 309 -15.65 -8.52 -13.63
C GLY A 309 -14.29 -8.12 -13.10
N ILE A 310 -14.30 -7.38 -11.99
CA ILE A 310 -13.09 -6.88 -11.37
C ILE A 310 -13.06 -7.40 -9.93
N ALA A 311 -12.01 -8.16 -9.60
CA ALA A 311 -11.83 -8.73 -8.24
C ALA A 311 -10.97 -7.82 -7.36
N VAL A 312 -11.38 -7.57 -6.11
CA VAL A 312 -10.59 -6.68 -5.24
C VAL A 312 -10.20 -7.33 -3.94
N HIS A 313 -9.04 -6.95 -3.44
CA HIS A 313 -8.62 -7.35 -2.07
C HIS A 313 -8.71 -6.17 -1.14
N TRP A 314 -8.82 -6.44 0.16
CA TRP A 314 -9.22 -5.42 1.11
C TRP A 314 -8.06 -4.82 1.93
N TYR A 315 -6.84 -5.29 1.67
CA TYR A 315 -5.72 -5.08 2.62
C TYR A 315 -5.27 -3.64 2.78
N LEU A 316 -5.40 -2.85 1.73
CA LEU A 316 -5.03 -1.43 1.79
C LEU A 316 -6.27 -0.52 1.66
N ASP A 317 -7.42 -1.01 2.15
CA ASP A 317 -8.66 -0.22 2.09
C ASP A 317 -8.49 1.17 2.72
N PHE A 318 -7.63 1.27 3.74
CA PHE A 318 -7.35 2.57 4.42
C PHE A 318 -6.78 3.69 3.49
N LEU A 319 -6.12 3.28 2.42
CA LEU A 319 -5.62 4.17 1.38
C LEU A 319 -6.56 4.40 0.20
N ALA A 320 -7.79 3.87 0.28
CA ALA A 320 -8.66 3.79 -0.88
C ALA A 320 -10.13 4.00 -0.47
N PRO A 321 -10.57 5.26 -0.27
CA PRO A 321 -12.00 5.52 0.01
C PRO A 321 -12.91 4.86 -1.05
N ALA A 322 -13.99 4.22 -0.60
CA ALA A 322 -14.75 3.34 -1.47
C ALA A 322 -15.35 4.16 -2.64
N LYS A 323 -15.83 5.39 -2.36
CA LYS A 323 -16.42 6.23 -3.40
C LYS A 323 -15.47 6.51 -4.56
N ALA A 324 -14.21 6.87 -4.24
CA ALA A 324 -13.19 7.24 -5.21
C ALA A 324 -12.64 6.06 -6.02
N THR A 325 -12.92 4.84 -5.55
CA THR A 325 -12.37 3.63 -6.13
C THR A 325 -13.49 2.76 -6.72
N LEU A 326 -14.19 2.04 -5.84
CA LEU A 326 -15.36 1.21 -6.21
C LEU A 326 -16.42 2.07 -6.88
N GLY A 327 -16.75 3.21 -6.27
CA GLY A 327 -17.89 4.03 -6.77
C GLY A 327 -17.56 4.60 -8.15
N GLU A 328 -16.31 5.08 -8.31
CA GLU A 328 -15.88 5.68 -9.58
C GLU A 328 -15.82 4.62 -10.70
N THR A 329 -15.33 3.43 -10.35
CA THR A 329 -15.26 2.32 -11.28
C THR A 329 -16.62 1.86 -11.78
N HIS A 330 -17.55 1.71 -10.83
CA HIS A 330 -18.94 1.42 -11.16
C HIS A 330 -19.57 2.47 -12.07
N ARG A 331 -19.34 3.75 -11.76
CA ARG A 331 -19.84 4.86 -12.54
C ARG A 331 -19.33 4.75 -13.98
N LEU A 332 -18.02 4.51 -14.15
CA LEU A 332 -17.41 4.41 -15.49
C LEU A 332 -17.74 3.11 -16.22
N PHE A 333 -17.73 1.99 -15.51
CA PHE A 333 -17.92 0.68 -16.11
C PHE A 333 -19.00 -0.08 -15.36
N PRO A 334 -20.27 0.38 -15.42
CA PRO A 334 -21.28 -0.27 -14.54
C PRO A 334 -21.63 -1.71 -14.94
N ASN A 335 -21.25 -2.12 -16.14
CA ASN A 335 -21.55 -3.49 -16.63
C ASN A 335 -20.49 -4.53 -16.29
N THR A 336 -19.42 -4.10 -15.61
CA THR A 336 -18.34 -5.01 -15.23
C THR A 336 -18.43 -5.10 -13.72
N MET A 337 -18.94 -6.23 -13.23
CA MET A 337 -19.23 -6.40 -11.81
C MET A 337 -17.96 -6.24 -10.97
N LEU A 338 -18.15 -5.76 -9.74
CA LEU A 338 -17.06 -5.62 -8.76
C LEU A 338 -17.26 -6.77 -7.76
N PHE A 339 -16.18 -7.47 -7.40
CA PHE A 339 -16.24 -8.65 -6.55
C PHE A 339 -15.08 -8.68 -5.58
N ALA A 340 -15.38 -8.80 -4.29
CA ALA A 340 -14.34 -8.91 -3.24
C ALA A 340 -13.86 -10.36 -3.14
N SER A 341 -12.60 -10.59 -3.50
CA SER A 341 -12.09 -11.96 -3.69
C SER A 341 -11.12 -12.45 -2.61
N GLU A 342 -10.58 -11.56 -1.78
CA GLU A 342 -9.71 -11.99 -0.66
C GLU A 342 -9.61 -10.99 0.47
N ALA A 343 -9.78 -11.50 1.70
CA ALA A 343 -9.61 -10.71 2.89
C ALA A 343 -9.20 -11.61 4.03
N CYS A 344 -8.37 -11.09 4.92
CA CYS A 344 -8.11 -11.65 6.23
C CYS A 344 -7.58 -10.56 7.15
N VAL A 345 -7.80 -10.74 8.44
CA VAL A 345 -7.17 -9.91 9.44
C VAL A 345 -5.88 -10.59 9.95
N GLY A 346 -5.04 -9.80 10.58
CA GLY A 346 -3.84 -10.30 11.30
C GLY A 346 -2.62 -10.35 10.42
N SER A 347 -2.74 -9.78 9.21
CA SER A 347 -1.69 -9.88 8.20
C SER A 347 -0.62 -8.77 8.24
N LYS A 348 -0.83 -7.71 9.02
CA LYS A 348 0.18 -6.65 9.11
C LYS A 348 1.33 -7.07 10.04
N PHE A 349 2.54 -6.60 9.75
CA PHE A 349 3.73 -7.06 10.51
C PHE A 349 3.59 -6.89 12.02
N TRP A 350 2.91 -5.83 12.46
CA TRP A 350 2.77 -5.51 13.88
C TRP A 350 1.62 -6.23 14.58
N GLU A 351 0.74 -6.87 13.79
CA GLU A 351 -0.44 -7.53 14.32
C GLU A 351 -0.11 -8.97 14.76
N GLN A 352 -0.74 -9.35 15.87
CA GLN A 352 -0.89 -10.71 16.29
C GLN A 352 -1.67 -11.45 15.21
N SER A 353 -1.15 -12.58 14.75
CA SER A 353 -1.81 -13.35 13.69
C SER A 353 -3.22 -13.79 14.09
N VAL A 354 -3.33 -14.51 15.19
CA VAL A 354 -4.62 -15.04 15.61
C VAL A 354 -4.99 -14.46 16.94
N ARG A 355 -6.17 -13.85 17.04
CA ARG A 355 -6.67 -13.35 18.33
C ARG A 355 -7.99 -14.03 18.66
N LEU A 356 -7.91 -15.16 19.33
CA LEU A 356 -9.11 -15.98 19.54
C LEU A 356 -10.24 -15.22 20.25
N GLY A 357 -11.32 -14.99 19.52
CA GLY A 357 -12.51 -14.32 20.06
C GLY A 357 -12.57 -12.82 19.88
N SER A 358 -11.69 -12.27 19.04
CA SER A 358 -11.65 -10.83 18.80
C SER A 358 -12.96 -10.28 18.20
N TRP A 359 -13.65 -9.40 18.93
CA TRP A 359 -14.84 -8.77 18.40
C TRP A 359 -14.49 -7.76 17.31
N ASP A 360 -13.35 -7.06 17.50
CA ASP A 360 -12.88 -6.07 16.53
C ASP A 360 -12.73 -6.71 15.15
N ARG A 361 -12.13 -7.90 15.11
CA ARG A 361 -11.88 -8.57 13.83
C ARG A 361 -13.19 -8.95 13.16
N GLY A 362 -14.14 -9.42 13.97
CA GLY A 362 -15.53 -9.56 13.54
C GLY A 362 -16.09 -8.30 12.89
N MET A 363 -16.03 -7.18 13.61
CA MET A 363 -16.61 -5.93 13.08
C MET A 363 -15.91 -5.45 11.81
N GLN A 364 -14.63 -5.78 11.71
CA GLN A 364 -13.86 -5.45 10.50
C GLN A 364 -14.44 -6.16 9.28
N TYR A 365 -14.77 -7.44 9.46
CA TYR A 365 -15.43 -8.19 8.37
C TYR A 365 -16.78 -7.58 7.95
N SER A 366 -17.69 -7.44 8.90
CA SER A 366 -19.00 -6.89 8.58
C SER A 366 -18.95 -5.43 8.10
N HIS A 367 -18.13 -4.56 8.69
CA HIS A 367 -18.00 -3.19 8.15
C HIS A 367 -17.52 -3.18 6.67
N SER A 368 -16.54 -4.00 6.35
CA SER A 368 -16.09 -4.15 4.95
C SER A 368 -17.20 -4.68 4.03
N ILE A 369 -17.89 -5.73 4.46
CA ILE A 369 -18.97 -6.30 3.63
C ILE A 369 -20.05 -5.26 3.35
N ILE A 370 -20.50 -4.56 4.39
CA ILE A 370 -21.53 -3.50 4.21
C ILE A 370 -21.04 -2.40 3.29
N THR A 371 -19.81 -1.95 3.51
CA THR A 371 -19.25 -0.87 2.68
C THR A 371 -19.12 -1.31 1.23
N ASN A 372 -18.64 -2.52 1.02
CA ASN A 372 -18.58 -3.12 -0.31
C ASN A 372 -19.95 -3.16 -1.00
N LEU A 373 -20.96 -3.74 -0.31
CA LEU A 373 -22.36 -3.76 -0.81
C LEU A 373 -22.92 -2.38 -1.12
N LEU A 374 -22.61 -1.39 -0.28
CA LEU A 374 -23.08 -0.03 -0.54
C LEU A 374 -22.40 0.58 -1.76
N TYR A 375 -21.26 0.00 -2.18
CA TYR A 375 -20.57 0.51 -3.38
C TYR A 375 -20.48 -0.53 -4.51
N HIS A 376 -21.56 -1.30 -4.65
CA HIS A 376 -21.89 -2.07 -5.86
C HIS A 376 -21.23 -3.43 -5.95
N VAL A 377 -20.48 -3.79 -4.92
CA VAL A 377 -19.81 -5.12 -4.92
C VAL A 377 -20.82 -6.31 -4.81
N VAL A 378 -20.59 -7.35 -5.61
CA VAL A 378 -21.57 -8.45 -5.74
C VAL A 378 -21.32 -9.65 -4.87
N GLY A 379 -20.17 -9.68 -4.24
CA GLY A 379 -19.93 -10.79 -3.33
C GLY A 379 -18.65 -10.53 -2.56
N TRP A 380 -18.37 -11.39 -1.59
CA TRP A 380 -17.21 -11.16 -0.73
C TRP A 380 -16.70 -12.50 -0.27
N THR A 381 -15.39 -12.68 -0.38
CA THR A 381 -14.73 -13.97 -0.22
C THR A 381 -13.63 -13.82 0.83
N ASP A 382 -13.73 -14.61 1.90
CA ASP A 382 -12.71 -14.71 2.92
C ASP A 382 -11.50 -15.45 2.37
N TRP A 383 -10.38 -15.39 3.09
CA TRP A 383 -9.19 -16.11 2.69
C TRP A 383 -9.29 -17.53 3.33
N ASN A 384 -8.20 -18.07 3.92
CA ASN A 384 -8.24 -19.43 4.46
C ASN A 384 -9.52 -19.74 5.26
N LEU A 385 -10.19 -20.82 4.91
CA LEU A 385 -11.38 -21.30 5.63
C LEU A 385 -11.06 -21.73 7.06
N ALA A 386 -9.83 -22.17 7.29
CA ALA A 386 -9.41 -22.60 8.63
C ALA A 386 -7.90 -22.52 8.73
N LEU A 387 -7.43 -22.17 9.90
CA LEU A 387 -5.99 -22.16 10.19
C LEU A 387 -5.73 -22.81 11.58
N ASN A 388 -4.47 -23.01 11.93
CA ASN A 388 -4.10 -23.52 13.26
C ASN A 388 -3.93 -22.34 14.21
N PRO A 389 -3.69 -22.56 15.52
CA PRO A 389 -3.64 -21.41 16.46
C PRO A 389 -2.53 -20.38 16.23
N GLU A 390 -1.52 -20.74 15.45
CA GLU A 390 -0.42 -19.87 15.08
C GLU A 390 -0.80 -19.07 13.81
N GLY A 391 -1.85 -19.52 13.12
CA GLY A 391 -2.34 -18.81 11.92
C GLY A 391 -1.70 -19.40 10.69
N GLY A 392 -1.38 -20.70 10.78
CA GLY A 392 -0.66 -21.39 9.71
C GLY A 392 -1.30 -22.71 9.36
N PRO A 393 -0.57 -23.59 8.64
CA PRO A 393 0.84 -23.48 8.25
C PRO A 393 1.04 -22.51 7.09
N ASN A 394 2.28 -22.05 6.91
CA ASN A 394 2.61 -21.07 5.86
C ASN A 394 4.13 -21.16 5.68
N TRP A 395 4.56 -21.51 4.47
CA TRP A 395 5.99 -21.82 4.22
C TRP A 395 6.90 -20.62 4.39
N VAL A 396 6.35 -19.41 4.35
CA VAL A 396 7.14 -18.22 4.65
C VAL A 396 6.77 -17.59 5.98
N ARG A 397 6.02 -18.33 6.79
CA ARG A 397 5.59 -17.91 8.12
C ARG A 397 4.77 -16.60 8.08
N ASN A 398 4.07 -16.38 6.96
CA ASN A 398 3.22 -15.18 6.78
C ASN A 398 1.83 -15.45 7.42
N PHE A 399 1.84 -15.73 8.73
CA PHE A 399 0.65 -16.17 9.45
C PHE A 399 -0.39 -15.07 9.58
N VAL A 400 -1.66 -15.49 9.53
CA VAL A 400 -2.80 -14.59 9.65
C VAL A 400 -3.95 -15.26 10.44
N ASP A 401 -5.09 -14.57 10.55
CA ASP A 401 -6.22 -15.08 11.30
C ASP A 401 -7.21 -15.70 10.33
N SER A 402 -8.14 -16.49 10.90
CA SER A 402 -9.20 -17.21 10.16
C SER A 402 -10.48 -17.36 11.00
N PRO A 403 -11.67 -17.19 10.38
CA PRO A 403 -12.91 -17.34 11.18
C PRO A 403 -13.01 -18.68 11.93
N ILE A 404 -12.29 -19.70 11.44
CA ILE A 404 -12.23 -21.00 12.16
C ILE A 404 -10.78 -21.41 12.46
N ILE A 405 -10.55 -21.74 13.72
CA ILE A 405 -9.22 -22.14 14.16
C ILE A 405 -9.29 -23.58 14.65
N VAL A 406 -8.45 -24.41 14.08
CA VAL A 406 -8.36 -25.83 14.42
C VAL A 406 -7.25 -26.11 15.45
N ASP A 407 -7.63 -26.77 16.53
CA ASP A 407 -6.70 -27.17 17.60
C ASP A 407 -6.58 -28.68 17.52
N ILE A 408 -5.64 -29.17 16.72
CA ILE A 408 -5.43 -30.60 16.48
C ILE A 408 -5.28 -31.44 17.78
N THR A 409 -4.54 -30.92 18.74
CA THR A 409 -4.28 -31.69 19.98
C THR A 409 -5.54 -31.89 20.81
N LYS A 410 -6.62 -31.20 20.46
CA LYS A 410 -7.85 -31.30 21.23
C LYS A 410 -9.00 -31.80 20.37
N ASP A 411 -8.70 -32.13 19.12
CA ASP A 411 -9.73 -32.44 18.10
C ASP A 411 -10.91 -31.48 18.19
N THR A 412 -10.56 -30.19 18.25
CA THR A 412 -11.50 -29.12 18.48
C THR A 412 -11.30 -28.04 17.40
N PHE A 413 -12.38 -27.33 17.06
CA PHE A 413 -12.25 -26.08 16.32
C PHE A 413 -13.01 -24.94 16.98
N TYR A 414 -12.54 -23.72 16.79
CA TYR A 414 -13.14 -22.55 17.39
C TYR A 414 -13.73 -21.71 16.29
N LYS A 415 -15.00 -21.37 16.43
CA LYS A 415 -15.62 -20.37 15.50
C LYS A 415 -15.57 -19.00 16.14
N GLN A 416 -14.90 -18.09 15.44
CA GLN A 416 -14.60 -16.78 15.93
C GLN A 416 -15.71 -15.82 15.54
N PRO A 417 -15.76 -14.64 16.18
CA PRO A 417 -16.66 -13.59 15.80
C PRO A 417 -16.68 -13.34 14.27
N MET A 418 -15.53 -13.40 13.59
CA MET A 418 -15.51 -13.29 12.10
C MET A 418 -16.49 -14.26 11.41
N PHE A 419 -16.59 -15.51 11.92
CA PHE A 419 -17.48 -16.49 11.34
C PHE A 419 -18.93 -15.95 11.35
N TYR A 420 -19.39 -15.46 12.52
CA TYR A 420 -20.77 -15.03 12.68
C TYR A 420 -21.07 -13.72 11.97
N HIS A 421 -20.11 -12.79 12.00
CA HIS A 421 -20.23 -11.54 11.23
C HIS A 421 -20.42 -11.80 9.72
N LEU A 422 -19.63 -12.73 9.17
CA LEU A 422 -19.82 -13.17 7.77
C LEU A 422 -21.16 -13.90 7.58
N GLY A 423 -21.50 -14.76 8.55
CA GLY A 423 -22.77 -15.47 8.55
C GLY A 423 -23.99 -14.54 8.53
N HIS A 424 -23.91 -13.37 9.17
CA HIS A 424 -25.04 -12.41 9.13
C HIS A 424 -25.39 -11.96 7.70
N PHE A 425 -24.45 -12.14 6.77
CA PHE A 425 -24.69 -11.88 5.33
C PHE A 425 -24.92 -13.16 4.56
N SER A 426 -23.96 -14.08 4.63
CA SER A 426 -23.99 -15.30 3.81
C SER A 426 -25.25 -16.16 4.01
N LYS A 427 -25.72 -16.26 5.27
CA LYS A 427 -26.86 -17.13 5.56
C LYS A 427 -28.18 -16.56 5.00
N PHE A 428 -28.24 -15.24 4.89
CA PHE A 428 -29.51 -14.56 4.67
C PHE A 428 -29.58 -13.82 3.34
N ILE A 429 -28.51 -13.89 2.54
CA ILE A 429 -28.46 -13.12 1.29
C ILE A 429 -28.14 -14.09 0.17
N PRO A 430 -29.17 -14.82 -0.34
CA PRO A 430 -28.99 -15.78 -1.43
C PRO A 430 -28.45 -15.12 -2.71
N GLU A 431 -27.73 -15.89 -3.54
CA GLU A 431 -27.41 -15.48 -4.91
C GLU A 431 -28.67 -14.98 -5.63
N GLY A 432 -28.56 -13.86 -6.33
CA GLY A 432 -29.70 -13.28 -7.04
C GLY A 432 -30.45 -12.24 -6.23
N SER A 433 -30.12 -12.10 -4.94
CA SER A 433 -30.61 -10.98 -4.14
C SER A 433 -30.14 -9.71 -4.78
N GLN A 434 -30.91 -8.62 -4.61
CA GLN A 434 -30.53 -7.34 -5.17
C GLN A 434 -30.49 -6.28 -4.09
N ARG A 435 -29.39 -5.55 -4.01
CA ARG A 435 -29.27 -4.45 -3.07
CA ARG A 435 -29.28 -4.44 -3.08
C ARG A 435 -30.28 -3.37 -3.51
N VAL A 436 -30.98 -2.78 -2.54
CA VAL A 436 -31.96 -1.72 -2.78
C VAL A 436 -31.63 -0.48 -1.92
N GLY A 437 -32.33 0.63 -2.15
CA GLY A 437 -32.06 1.84 -1.39
C GLY A 437 -32.45 1.71 0.09
N LEU A 438 -31.69 2.44 0.92
CA LEU A 438 -31.93 2.57 2.37
C LEU A 438 -31.42 3.93 2.80
N VAL A 439 -32.30 4.81 3.27
CA VAL A 439 -31.84 6.16 3.62
C VAL A 439 -32.06 6.37 5.11
N ALA A 440 -31.19 7.18 5.72
CA ALA A 440 -31.24 7.46 7.17
C ALA A 440 -31.79 8.86 7.39
N SER A 441 -32.58 9.02 8.44
CA SER A 441 -33.31 10.27 8.66
C SER A 441 -32.38 11.30 9.30
N GLN A 442 -31.27 10.83 9.85
CA GLN A 442 -30.27 11.68 10.52
C GLN A 442 -28.93 10.96 10.46
N LYS A 443 -27.84 11.73 10.50
CA LYS A 443 -26.49 11.20 10.66
C LYS A 443 -26.39 10.26 11.86
N ASN A 444 -25.68 9.14 11.68
CA ASN A 444 -25.63 8.08 12.68
C ASN A 444 -24.31 7.32 12.57
N ASP A 445 -24.01 6.47 13.55
CA ASP A 445 -22.76 5.71 13.53
C ASP A 445 -22.94 4.27 13.07
N LEU A 446 -24.13 3.94 12.57
CA LEU A 446 -24.41 2.57 12.11
C LEU A 446 -23.98 2.31 10.65
N ASP A 447 -23.57 1.09 10.37
CA ASP A 447 -23.43 0.61 8.98
C ASP A 447 -24.66 -0.24 8.74
N ALA A 448 -25.38 0.05 7.67
CA ALA A 448 -26.63 -0.66 7.37
C ALA A 448 -26.79 -0.84 5.85
N VAL A 449 -27.34 -1.96 5.41
CA VAL A 449 -27.55 -2.23 3.97
C VAL A 449 -28.85 -3.03 3.84
N ALA A 450 -29.63 -2.72 2.81
CA ALA A 450 -30.92 -3.36 2.56
C ALA A 450 -30.87 -4.05 1.22
N LEU A 451 -31.40 -5.28 1.18
CA LEU A 451 -31.48 -6.04 -0.04
C LEU A 451 -32.82 -6.75 -0.14
N MET A 452 -33.14 -7.18 -1.36
CA MET A 452 -34.35 -7.93 -1.60
C MET A 452 -33.99 -9.27 -2.18
N HIS A 453 -34.50 -10.32 -1.54
CA HIS A 453 -34.36 -11.71 -2.00
C HIS A 453 -35.01 -11.89 -3.37
N PRO A 454 -34.59 -12.93 -4.11
CA PRO A 454 -35.24 -13.24 -5.39
C PRO A 454 -36.79 -13.29 -5.32
N ASP A 455 -37.33 -13.82 -4.22
CA ASP A 455 -38.79 -13.88 -4.05
C ASP A 455 -39.45 -12.58 -3.65
N GLY A 456 -38.67 -11.51 -3.47
CA GLY A 456 -39.22 -10.19 -3.14
C GLY A 456 -39.24 -9.81 -1.66
N SER A 457 -38.90 -10.75 -0.78
CA SER A 457 -38.83 -10.46 0.65
C SER A 457 -37.58 -9.62 1.00
N ALA A 458 -37.57 -9.03 2.19
CA ALA A 458 -36.53 -8.03 2.52
C ALA A 458 -35.50 -8.59 3.50
N VAL A 459 -34.27 -8.06 3.41
CA VAL A 459 -33.19 -8.35 4.38
CA VAL A 459 -33.21 -8.35 4.38
C VAL A 459 -32.46 -7.06 4.65
N VAL A 460 -32.24 -6.76 5.94
CA VAL A 460 -31.47 -5.59 6.34
C VAL A 460 -30.42 -6.04 7.33
N VAL A 461 -29.15 -5.70 7.08
CA VAL A 461 -28.13 -5.93 8.10
C VAL A 461 -27.73 -4.59 8.72
N VAL A 462 -27.62 -4.57 10.05
CA VAL A 462 -27.28 -3.39 10.81
C VAL A 462 -26.10 -3.66 11.75
N LEU A 463 -24.99 -2.96 11.54
CA LEU A 463 -23.83 -3.09 12.39
C LEU A 463 -23.66 -1.83 13.23
N ASN A 464 -23.54 -2.02 14.54
CA ASN A 464 -23.20 -0.90 15.45
C ASN A 464 -21.79 -1.10 16.00
N ARG A 465 -20.85 -0.31 15.47
CA ARG A 465 -19.44 -0.42 15.90
C ARG A 465 -19.13 0.49 17.11
N SER A 466 -20.16 1.16 17.64
CA SER A 466 -20.02 2.07 18.79
C SER A 466 -20.43 1.37 20.07
N SER A 467 -20.12 1.98 21.22
CA SER A 467 -20.48 1.40 22.51
C SER A 467 -21.89 1.80 22.91
N LYS A 468 -22.50 2.68 22.13
CA LYS A 468 -23.80 3.22 22.50
C LYS A 468 -24.96 2.50 21.81
N ASP A 469 -25.99 2.19 22.60
CA ASP A 469 -27.23 1.62 22.11
C ASP A 469 -27.95 2.70 21.29
N VAL A 470 -28.48 2.32 20.14
CA VAL A 470 -29.18 3.24 19.27
C VAL A 470 -30.56 2.65 19.02
N PRO A 471 -31.62 3.20 19.66
CA PRO A 471 -32.95 2.74 19.21
C PRO A 471 -33.20 3.25 17.77
N LEU A 472 -33.99 2.51 17.00
CA LEU A 472 -34.19 2.92 15.62
C LEU A 472 -35.39 2.22 15.07
N THR A 473 -35.88 2.78 13.97
CA THR A 473 -37.04 2.24 13.29
C THR A 473 -36.65 1.99 11.83
N ILE A 474 -37.15 0.89 11.28
CA ILE A 474 -36.96 0.65 9.86
C ILE A 474 -38.35 0.79 9.23
N LYS A 475 -38.45 1.63 8.19
CA LYS A 475 -39.70 1.82 7.47
C LYS A 475 -39.65 1.12 6.09
N ASP A 476 -40.61 0.22 5.90
CA ASP A 476 -40.90 -0.38 4.60
C ASP A 476 -42.27 0.17 4.16
N PRO A 477 -42.29 1.01 3.11
CA PRO A 477 -43.55 1.63 2.67
C PRO A 477 -44.66 0.62 2.33
N ALA A 478 -44.29 -0.61 1.95
CA ALA A 478 -45.26 -1.69 1.68
C ALA A 478 -45.96 -2.25 2.92
N VAL A 479 -45.21 -2.39 4.00
CA VAL A 479 -45.60 -3.25 5.11
C VAL A 479 -45.83 -2.45 6.38
N GLY A 480 -45.03 -1.40 6.57
CA GLY A 480 -45.07 -0.68 7.83
C GLY A 480 -43.72 -0.55 8.50
N PHE A 481 -43.75 -0.44 9.83
CA PHE A 481 -42.58 -0.04 10.62
C PHE A 481 -42.09 -1.17 11.53
N LEU A 482 -40.77 -1.27 11.67
CA LEU A 482 -40.14 -2.21 12.59
C LEU A 482 -39.48 -1.38 13.69
N GLU A 483 -39.94 -1.51 14.93
CA GLU A 483 -39.37 -0.72 16.01
C GLU A 483 -38.31 -1.62 16.65
N THR A 484 -37.08 -1.13 16.70
CA THR A 484 -36.03 -1.98 17.23
C THR A 484 -34.97 -1.14 17.93
N ILE A 485 -33.85 -1.79 18.23
CA ILE A 485 -32.74 -1.17 18.87
C ILE A 485 -31.48 -1.90 18.40
N SER A 486 -30.43 -1.14 18.14
CA SER A 486 -29.12 -1.67 17.77
C SER A 486 -28.18 -1.50 18.97
N PRO A 487 -28.00 -2.56 19.77
CA PRO A 487 -27.09 -2.43 20.92
C PRO A 487 -25.66 -2.10 20.51
N GLY A 488 -24.95 -1.35 21.34
CA GLY A 488 -23.50 -1.17 21.16
C GLY A 488 -22.80 -2.50 20.87
N TYR A 489 -21.87 -2.49 19.92
CA TYR A 489 -21.14 -3.71 19.56
C TYR A 489 -22.09 -4.89 19.27
N SER A 490 -23.02 -4.67 18.34
CA SER A 490 -23.88 -5.76 17.90
C SER A 490 -23.94 -5.75 16.38
N ILE A 491 -24.39 -6.88 15.85
CA ILE A 491 -24.81 -6.97 14.47
C ILE A 491 -26.12 -7.75 14.47
N HIS A 492 -27.07 -7.19 13.72
CA HIS A 492 -28.40 -7.75 13.51
C HIS A 492 -28.61 -7.97 12.01
N THR A 493 -29.29 -9.07 11.68
CA THR A 493 -29.91 -9.22 10.38
C THR A 493 -31.43 -9.31 10.62
N TYR A 494 -32.19 -8.52 9.86
CA TYR A 494 -33.64 -8.47 9.92
C TYR A 494 -34.21 -9.04 8.62
N LEU A 495 -35.25 -9.86 8.75
CA LEU A 495 -35.88 -10.47 7.59
C LEU A 495 -37.39 -10.28 7.70
N TRP A 496 -38.05 -9.97 6.58
CA TRP A 496 -39.51 -9.98 6.59
C TRP A 496 -40.09 -10.20 5.19
N HIS A 497 -41.26 -10.83 5.15
CA HIS A 497 -42.01 -10.91 3.91
C HIS A 497 -42.71 -9.62 3.66
N ARG A 498 -42.69 -9.19 2.41
CA ARG A 498 -43.27 -7.92 2.02
C ARG A 498 -44.68 -8.08 1.38
N GLN A 499 -45.14 -9.31 1.15
CA GLN A 499 -46.39 -9.49 0.39
C GLN A 499 -47.61 -9.90 1.24
N LEU A 500 -48.28 -8.98 1.73
N ALA B 3 42.51 13.41 -5.04
CA ALA B 3 42.80 14.07 -3.73
C ALA B 3 42.81 13.03 -2.65
N ARG B 4 41.62 12.77 -2.10
CA ARG B 4 41.46 11.67 -1.18
C ARG B 4 40.42 10.75 -1.77
N PRO B 5 40.88 9.61 -2.32
CA PRO B 5 39.95 8.67 -2.89
C PRO B 5 39.24 7.82 -1.81
N CYS B 6 38.19 7.11 -2.24
CA CYS B 6 37.46 6.14 -1.44
C CYS B 6 38.43 5.11 -0.84
N ILE B 7 38.34 4.87 0.46
CA ILE B 7 38.94 3.66 1.08
C ILE B 7 37.91 2.51 1.03
N PRO B 8 38.02 1.61 0.05
CA PRO B 8 36.96 0.59 -0.11
C PRO B 8 37.00 -0.55 0.91
N LYS B 9 35.81 -0.96 1.36
CA LYS B 9 35.66 -2.14 2.19
C LYS B 9 34.41 -2.92 1.76
N SER B 10 34.60 -4.22 1.56
CA SER B 10 33.49 -5.10 1.27
C SER B 10 33.02 -5.77 2.55
N PHE B 11 31.72 -6.03 2.62
CA PHE B 11 31.10 -6.75 3.73
C PHE B 11 30.31 -7.92 3.14
N GLY B 12 30.60 -8.25 1.89
CA GLY B 12 30.03 -9.42 1.24
C GLY B 12 28.81 -9.16 0.36
N TYR B 13 28.47 -7.89 0.16
CA TYR B 13 27.32 -7.53 -0.65
C TYR B 13 27.87 -7.14 -2.02
N SER B 14 27.01 -6.64 -2.89
CA SER B 14 27.37 -6.51 -4.30
C SER B 14 28.47 -5.49 -4.60
N SER B 15 28.69 -4.54 -3.67
CA SER B 15 29.72 -3.51 -3.86
C SER B 15 30.38 -3.14 -2.55
N VAL B 16 31.22 -2.10 -2.58
CA VAL B 16 31.99 -1.69 -1.41
C VAL B 16 31.38 -0.46 -0.75
N VAL B 17 31.67 -0.29 0.53
CA VAL B 17 31.49 1.00 1.19
C VAL B 17 32.79 1.79 1.12
N CYS B 18 32.70 3.12 1.30
CA CYS B 18 33.89 3.94 1.51
C CYS B 18 34.05 4.25 3.01
N VAL B 19 35.20 3.83 3.57
CA VAL B 19 35.49 3.95 5.01
C VAL B 19 36.04 5.32 5.34
N CYS B 20 35.47 5.95 6.36
CA CYS B 20 35.91 7.25 6.80
C CYS B 20 36.10 7.15 8.30
N ASN B 21 37.01 7.97 8.85
CA ASN B 21 37.25 7.98 10.29
C ASN B 21 37.63 9.40 10.77
N ALA B 22 38.30 9.53 11.92
CA ALA B 22 38.66 10.87 12.43
C ALA B 22 39.63 11.67 11.55
N THR B 23 40.44 11.00 10.73
CA THR B 23 41.53 11.70 10.06
C THR B 23 41.44 11.59 8.56
N TYR B 24 40.57 10.70 8.09
CA TYR B 24 40.41 10.42 6.69
C TYR B 24 38.96 10.28 6.26
N CYS B 25 38.62 10.98 5.19
CA CYS B 25 37.43 10.72 4.44
C CYS B 25 37.70 11.13 2.99
N ASP B 26 37.13 10.37 2.07
CA ASP B 26 37.23 10.66 0.65
C ASP B 26 36.55 12.00 0.35
N SER B 27 37.12 12.72 -0.60
CA SER B 27 36.66 14.05 -0.94
C SER B 27 37.00 14.34 -2.39
N PHE B 28 36.51 15.49 -2.88
CA PHE B 28 36.75 15.95 -4.24
C PHE B 28 37.82 17.02 -4.26
N ASP B 29 38.61 17.02 -5.33
CA ASP B 29 39.53 18.13 -5.71
C ASP B 29 38.75 19.42 -6.02
N PRO B 30 39.39 20.62 -5.82
CA PRO B 30 38.70 21.89 -6.14
C PRO B 30 38.20 21.94 -7.59
N PRO B 31 37.15 22.75 -7.87
CA PRO B 31 36.52 22.68 -9.20
C PRO B 31 37.33 23.38 -10.28
N THR B 32 37.24 22.86 -11.50
CA THR B 32 37.88 23.46 -12.67
C THR B 32 36.82 23.86 -13.69
N PHE B 33 37.29 24.39 -14.82
CA PHE B 33 36.41 24.81 -15.91
C PHE B 33 36.86 24.12 -17.19
N PRO B 34 36.12 23.09 -17.62
CA PRO B 34 36.50 22.47 -18.89
C PRO B 34 36.32 23.46 -20.06
N ALA B 35 37.32 23.51 -20.97
CA ALA B 35 37.10 24.12 -22.30
C ALA B 35 35.68 23.68 -22.71
N LEU B 36 34.88 24.50 -23.41
CA LEU B 36 35.17 24.99 -24.75
C LEU B 36 35.40 23.67 -25.53
N GLY B 37 34.29 23.00 -25.86
CA GLY B 37 34.36 21.74 -26.64
C GLY B 37 34.83 20.49 -25.90
N THR B 38 34.82 20.53 -24.57
CA THR B 38 35.02 19.33 -23.74
C THR B 38 33.90 19.17 -22.72
N PHE B 39 33.73 17.95 -22.23
CA PHE B 39 32.77 17.63 -21.18
C PHE B 39 33.49 16.95 -20.02
N SER B 40 32.90 17.05 -18.84
CA SER B 40 33.35 16.32 -17.68
C SER B 40 32.37 15.15 -17.47
N ARG B 41 32.91 14.05 -16.95
CA ARG B 41 32.12 12.87 -16.65
C ARG B 41 32.50 12.40 -15.24
N TYR B 42 31.49 12.18 -14.40
CA TYR B 42 31.71 11.57 -13.06
C TYR B 42 31.12 10.22 -13.10
N GLU B 43 31.93 9.21 -12.75
CA GLU B 43 31.48 7.86 -12.90
C GLU B 43 31.55 7.10 -11.56
N SER B 44 30.48 6.38 -11.24
CA SER B 44 30.47 5.44 -10.11
C SER B 44 30.06 4.07 -10.65
N THR B 45 30.75 3.02 -10.21
CA THR B 45 30.43 1.66 -10.68
C THR B 45 30.29 0.64 -9.53
N ARG B 46 29.55 -0.44 -9.78
CA ARG B 46 29.48 -1.56 -8.83
C ARG B 46 30.89 -2.14 -8.52
N SER B 47 31.73 -2.14 -9.55
CA SER B 47 33.13 -2.62 -9.45
C SER B 47 33.97 -1.78 -8.49
N GLY B 48 33.51 -0.58 -8.15
CA GLY B 48 34.16 0.19 -7.07
C GLY B 48 34.55 1.65 -7.34
N ARG B 49 34.32 2.15 -8.54
CA ARG B 49 34.63 3.56 -8.82
C ARG B 49 33.61 4.43 -8.11
N ARG B 50 34.09 5.50 -7.49
CA ARG B 50 33.24 6.36 -6.69
C ARG B 50 33.41 7.79 -7.18
N MET B 51 32.43 8.22 -7.96
CA MET B 51 32.37 9.57 -8.54
C MET B 51 33.73 10.03 -9.11
N GLU B 52 34.35 9.16 -9.93
CA GLU B 52 35.63 9.45 -10.59
C GLU B 52 35.47 10.38 -11.76
N LEU B 53 36.40 11.32 -11.86
CA LEU B 53 36.34 12.37 -12.86
C LEU B 53 37.18 11.99 -14.06
N SER B 54 36.61 12.20 -15.23
CA SER B 54 37.34 12.10 -16.49
C SER B 54 36.77 13.16 -17.41
N MET B 55 37.43 13.39 -18.53
CA MET B 55 36.98 14.38 -19.49
C MET B 55 37.03 13.81 -20.90
N GLY B 56 36.28 14.43 -21.81
CA GLY B 56 36.21 13.96 -23.17
C GLY B 56 35.95 15.09 -24.14
N PRO B 57 36.19 14.82 -25.44
CA PRO B 57 35.95 15.81 -26.46
C PRO B 57 34.49 15.85 -26.92
N ILE B 58 34.03 17.02 -27.29
CA ILE B 58 32.73 17.16 -27.95
C ILE B 58 33.00 17.32 -29.44
N GLN B 59 32.37 16.46 -30.26
CA GLN B 59 32.50 16.50 -31.73
C GLN B 59 31.38 17.27 -32.41
N ALA B 60 31.71 17.91 -33.52
CA ALA B 60 30.73 18.62 -34.36
C ALA B 60 29.78 17.64 -35.08
N ASN B 61 30.28 16.46 -35.43
CA ASN B 61 29.47 15.51 -36.19
C ASN B 61 29.33 14.13 -35.52
N HIS B 62 28.34 13.37 -35.97
CA HIS B 62 28.14 12.02 -35.50
C HIS B 62 27.49 11.19 -36.59
N THR B 63 27.97 9.95 -36.77
CA THR B 63 27.31 8.97 -37.63
C THR B 63 27.19 7.63 -36.89
N GLY B 64 26.09 6.92 -37.12
CA GLY B 64 25.99 5.55 -36.63
C GLY B 64 24.58 5.25 -36.22
N THR B 65 24.28 3.96 -36.04
CA THR B 65 22.92 3.54 -35.69
C THR B 65 22.75 3.37 -34.17
N GLY B 66 23.74 3.82 -33.41
CA GLY B 66 23.75 3.61 -31.96
C GLY B 66 22.71 4.45 -31.25
N LEU B 67 22.50 4.15 -29.96
CA LEU B 67 21.60 4.94 -29.14
C LEU B 67 22.06 6.41 -29.09
N LEU B 68 21.14 7.32 -29.42
CA LEU B 68 21.36 8.75 -29.34
C LEU B 68 20.37 9.39 -28.35
N LEU B 69 20.89 10.16 -27.40
CA LEU B 69 20.04 10.96 -26.52
C LEU B 69 20.19 12.45 -26.88
N THR B 70 19.10 13.08 -27.28
CA THR B 70 19.16 14.46 -27.76
C THR B 70 18.56 15.46 -26.77
N LEU B 71 19.40 16.36 -26.29
CA LEU B 71 18.96 17.46 -25.43
C LEU B 71 17.95 18.32 -26.21
N GLN B 72 16.89 18.77 -25.54
CA GLN B 72 16.01 19.78 -26.12
C GLN B 72 15.93 20.97 -25.16
N PRO B 73 16.95 21.85 -25.21
CA PRO B 73 17.02 22.91 -24.18
C PRO B 73 15.87 23.89 -24.25
N GLU B 74 15.09 23.88 -25.33
N GLU B 74 15.13 23.85 -25.36
CA GLU B 74 13.93 24.79 -25.43
CA GLU B 74 13.94 24.68 -25.59
C GLU B 74 12.62 24.18 -24.93
C GLU B 74 12.77 24.25 -24.72
N GLN B 75 12.69 22.94 -24.46
CA GLN B 75 11.58 22.32 -23.74
C GLN B 75 11.94 22.37 -22.26
N LYS B 76 11.32 23.30 -21.55
CA LYS B 76 11.68 23.61 -20.17
C LYS B 76 10.61 23.16 -19.22
N PHE B 77 11.03 22.47 -18.17
CA PHE B 77 10.08 21.92 -17.23
C PHE B 77 10.28 22.55 -15.85
N GLN B 78 10.30 21.74 -14.80
CA GLN B 78 10.34 22.28 -13.44
C GLN B 78 11.74 22.81 -13.05
N LYS B 79 11.75 23.79 -12.18
CA LYS B 79 12.95 24.17 -11.47
C LYS B 79 13.17 23.36 -10.20
N VAL B 80 14.44 23.06 -9.94
CA VAL B 80 14.85 22.23 -8.84
C VAL B 80 14.94 23.06 -7.57
N LYS B 81 14.31 22.56 -6.51
CA LYS B 81 14.48 23.08 -5.17
C LYS B 81 15.75 22.51 -4.50
N GLY B 82 15.93 21.18 -4.58
CA GLY B 82 17.16 20.55 -4.04
C GLY B 82 17.03 19.12 -3.52
N PHE B 83 18.06 18.71 -2.76
CA PHE B 83 18.26 17.33 -2.31
C PHE B 83 18.79 17.34 -0.90
N GLY B 84 18.44 16.32 -0.12
CA GLY B 84 18.99 16.20 1.22
C GLY B 84 18.47 15.00 1.96
N GLY B 85 18.38 15.17 3.27
CA GLY B 85 17.99 14.07 4.17
C GLY B 85 17.46 14.57 5.49
N ALA B 86 17.17 13.62 6.37
CA ALA B 86 16.46 13.88 7.62
C ALA B 86 17.35 13.86 8.86
N MET B 87 17.29 14.95 9.63
CA MET B 87 17.95 14.98 10.95
C MET B 87 16.97 14.46 12.05
N THR B 88 16.75 13.14 12.06
CA THR B 88 16.00 12.43 13.09
C THR B 88 16.82 12.38 14.37
N ASP B 89 16.17 12.09 15.49
CA ASP B 89 16.86 11.76 16.75
C ASP B 89 17.89 10.68 16.52
N ALA B 90 17.55 9.61 15.78
CA ALA B 90 18.51 8.54 15.52
C ALA B 90 19.76 9.02 14.75
N ALA B 91 19.56 9.81 13.70
CA ALA B 91 20.70 10.31 12.91
C ALA B 91 21.58 11.20 13.77
N ALA B 92 20.95 12.06 14.54
CA ALA B 92 21.68 12.96 15.43
C ALA B 92 22.52 12.17 16.46
N LEU B 93 21.92 11.14 17.07
CA LEU B 93 22.65 10.28 18.02
C LEU B 93 23.85 9.59 17.41
N ASN B 94 23.67 9.11 16.19
CA ASN B 94 24.70 8.37 15.52
C ASN B 94 25.86 9.26 15.10
N ILE B 95 25.55 10.42 14.52
CA ILE B 95 26.60 11.39 14.15
C ILE B 95 27.39 11.80 15.40
N LEU B 96 26.69 12.04 16.49
CA LEU B 96 27.33 12.50 17.72
C LEU B 96 28.08 11.40 18.46
N ALA B 97 27.85 10.13 18.11
CA ALA B 97 28.62 9.02 18.67
C ALA B 97 30.07 9.00 18.15
N LEU B 98 30.33 9.67 17.03
CA LEU B 98 31.67 9.80 16.46
C LEU B 98 32.50 10.81 17.24
N SER B 99 33.81 10.76 17.10
CA SER B 99 34.67 11.79 17.69
C SER B 99 34.42 13.10 16.91
N PRO B 100 34.64 14.26 17.53
CA PRO B 100 34.35 15.49 16.79
C PRO B 100 35.01 15.62 15.40
N PRO B 101 36.29 15.22 15.24
CA PRO B 101 36.85 15.24 13.86
C PRO B 101 36.15 14.36 12.83
N ALA B 102 35.73 13.16 13.23
CA ALA B 102 34.97 12.28 12.33
C ALA B 102 33.57 12.86 12.06
N GLN B 103 32.94 13.44 13.08
CA GLN B 103 31.68 14.16 12.96
C GLN B 103 31.74 15.24 11.85
N ASN B 104 32.83 16.02 11.88
CA ASN B 104 33.02 17.08 10.91
C ASN B 104 33.24 16.52 9.50
N LEU B 105 33.92 15.40 9.41
CA LEU B 105 34.08 14.74 8.11
C LEU B 105 32.76 14.19 7.60
N LEU B 106 31.97 13.58 8.49
CA LEU B 106 30.62 13.15 8.08
C LEU B 106 29.79 14.32 7.59
N LEU B 107 29.74 15.41 8.38
CA LEU B 107 28.93 16.59 7.96
C LEU B 107 29.44 17.22 6.67
N LYS B 108 30.76 17.30 6.51
CA LYS B 108 31.33 17.79 5.24
C LYS B 108 30.97 16.91 4.05
N SER B 109 30.99 15.57 4.23
CA SER B 109 30.55 14.65 3.17
C SER B 109 29.18 15.02 2.61
N TYR B 110 28.25 15.37 3.50
CA TYR B 110 26.91 15.74 3.06
C TYR B 110 26.80 17.18 2.61
N PHE B 111 27.31 18.10 3.42
CA PHE B 111 26.85 19.48 3.33
C PHE B 111 27.87 20.44 2.73
N SER B 112 29.10 19.98 2.49
CA SER B 112 30.09 20.93 2.02
C SER B 112 30.26 20.80 0.52
N GLU B 113 30.88 21.82 -0.07
CA GLU B 113 31.17 21.77 -1.48
C GLU B 113 32.22 20.70 -1.79
N GLU B 114 33.04 20.32 -0.80
CA GLU B 114 33.95 19.15 -0.93
C GLU B 114 33.26 17.80 -0.78
N GLY B 115 32.00 17.83 -0.38
CA GLY B 115 31.19 16.62 -0.34
C GLY B 115 30.14 16.78 -1.43
N ILE B 116 28.91 16.38 -1.11
CA ILE B 116 27.89 16.32 -2.16
C ILE B 116 26.84 17.44 -2.13
N GLY B 117 27.11 18.47 -1.32
CA GLY B 117 26.34 19.71 -1.42
C GLY B 117 24.84 19.65 -1.21
N TYR B 118 24.42 18.82 -0.25
CA TYR B 118 23.02 18.80 0.21
C TYR B 118 22.53 20.21 0.54
N ASN B 119 21.29 20.53 0.17
CA ASN B 119 20.71 21.82 0.56
C ASN B 119 19.31 21.71 1.21
N ILE B 120 18.94 20.51 1.62
CA ILE B 120 17.69 20.29 2.34
C ILE B 120 17.92 19.44 3.58
N ILE B 121 17.31 19.81 4.72
CA ILE B 121 17.31 18.98 5.92
C ILE B 121 15.86 18.88 6.38
N ARG B 122 15.35 17.66 6.48
CA ARG B 122 14.03 17.44 7.05
C ARG B 122 14.18 17.18 8.56
N VAL B 123 13.31 17.83 9.32
CA VAL B 123 13.38 17.90 10.78
C VAL B 123 12.06 17.41 11.34
N PRO B 124 12.04 16.23 12.00
CA PRO B 124 10.78 15.86 12.64
C PRO B 124 10.38 16.82 13.75
N MET B 125 9.08 17.13 13.81
CA MET B 125 8.52 17.89 14.93
C MET B 125 8.18 16.93 16.05
N ALA B 126 9.13 16.85 16.99
CA ALA B 126 9.14 15.93 18.12
C ALA B 126 9.40 14.49 17.67
N SER B 127 8.89 13.49 18.41
CA SER B 127 9.32 12.09 18.24
C SER B 127 8.68 11.37 17.04
N CYS B 128 9.44 10.42 16.50
CA CYS B 128 8.96 9.52 15.49
C CYS B 128 9.53 8.16 15.84
N ASP B 129 9.42 7.19 14.92
CA ASP B 129 10.00 5.85 15.19
C ASP B 129 11.52 5.89 15.30
N PHE B 130 12.17 6.80 14.59
CA PHE B 130 13.61 6.99 14.74
C PHE B 130 13.93 7.94 15.89
N SER B 131 13.36 7.58 17.05
CA SER B 131 13.61 8.20 18.33
C SER B 131 13.75 7.07 19.36
N ILE B 132 14.44 7.35 20.45
CA ILE B 132 14.60 6.34 21.49
C ILE B 132 13.58 6.58 22.59
N ARG B 133 12.92 7.73 22.57
CA ARG B 133 11.76 7.91 23.46
C ARG B 133 10.63 8.63 22.78
N THR B 134 9.44 8.45 23.35
CA THR B 134 8.27 9.08 22.79
C THR B 134 7.98 10.33 23.61
N TYR B 135 7.65 11.41 22.92
CA TYR B 135 7.45 12.71 23.53
C TYR B 135 6.85 13.59 22.42
N THR B 136 6.06 14.58 22.83
CA THR B 136 5.80 15.73 21.97
C THR B 136 6.32 16.98 22.69
N TYR B 137 6.08 18.13 22.09
CA TYR B 137 6.51 19.41 22.64
C TYR B 137 5.47 19.96 23.63
N ALA B 138 4.31 19.31 23.72
CA ALA B 138 3.24 19.78 24.58
C ALA B 138 2.55 18.63 25.30
N ASP B 139 3.28 17.89 26.12
CA ASP B 139 2.72 16.70 26.77
C ASP B 139 1.87 16.92 28.06
N THR B 140 1.95 18.12 28.65
CA THR B 140 1.11 18.49 29.81
C THR B 140 -0.32 18.49 29.36
N PRO B 141 -1.17 17.60 29.94
CA PRO B 141 -2.54 17.45 29.44
C PRO B 141 -3.32 18.75 29.43
N ASP B 142 -4.14 18.92 28.40
CA ASP B 142 -5.17 19.96 28.34
C ASP B 142 -4.62 21.38 28.28
N ASP B 143 -3.37 21.50 27.85
CA ASP B 143 -2.68 22.79 27.71
C ASP B 143 -3.01 23.48 26.38
N PHE B 144 -4.27 23.91 26.23
CA PHE B 144 -4.75 24.47 24.98
C PHE B 144 -4.04 25.76 24.57
N GLN B 145 -3.60 26.52 25.59
CA GLN B 145 -2.86 27.80 25.43
C GLN B 145 -1.41 27.52 25.01
N LEU B 146 -0.97 26.28 25.23
CA LEU B 146 0.41 25.83 24.93
C LEU B 146 1.48 26.60 25.71
N HIS B 147 1.14 26.93 26.96
CA HIS B 147 2.07 27.54 27.89
C HIS B 147 3.19 26.58 28.26
N ASN B 148 2.94 25.28 28.15
CA ASN B 148 3.99 24.33 28.48
C ASN B 148 4.72 23.73 27.28
N PHE B 149 4.49 24.32 26.12
CA PHE B 149 5.23 23.98 24.90
C PHE B 149 6.71 24.28 25.11
N SER B 150 7.55 23.28 24.95
CA SER B 150 8.98 23.50 24.93
C SER B 150 9.73 22.42 24.16
N LEU B 151 10.90 22.80 23.68
CA LEU B 151 11.81 21.89 23.05
C LEU B 151 12.65 21.18 24.12
N PRO B 152 12.71 19.85 24.03
CA PRO B 152 13.60 19.08 24.91
C PRO B 152 15.04 19.02 24.39
N GLU B 153 15.92 18.37 25.15
CA GLU B 153 17.30 18.23 24.73
C GLU B 153 17.52 17.58 23.35
N GLU B 154 16.58 16.75 22.89
CA GLU B 154 16.69 16.11 21.56
C GLU B 154 16.78 17.19 20.47
N ASP B 155 16.01 18.27 20.65
CA ASP B 155 16.16 19.45 19.80
C ASP B 155 17.34 20.34 20.27
N THR B 156 17.30 20.81 21.51
CA THR B 156 18.29 21.81 21.94
C THR B 156 19.73 21.32 22.08
N LYS B 157 19.93 20.05 22.37
CA LYS B 157 21.30 19.57 22.55
C LYS B 157 21.82 18.78 21.36
N LEU B 158 20.91 18.08 20.67
CA LEU B 158 21.30 17.20 19.58
C LEU B 158 21.01 17.76 18.16
N LYS B 159 19.73 17.86 17.77
CA LYS B 159 19.36 18.30 16.41
C LYS B 159 19.80 19.73 16.02
N ILE B 160 19.40 20.71 16.83
CA ILE B 160 19.66 22.11 16.53
C ILE B 160 21.15 22.41 16.36
N PRO B 161 22.00 22.00 17.33
CA PRO B 161 23.46 22.24 17.13
C PRO B 161 24.06 21.57 15.89
N LEU B 162 23.60 20.37 15.56
CA LEU B 162 24.07 19.68 14.35
C LEU B 162 23.57 20.40 13.11
N ILE B 163 22.33 20.87 13.15
CA ILE B 163 21.83 21.61 11.99
C ILE B 163 22.70 22.87 11.80
N HIS B 164 22.97 23.62 12.89
CA HIS B 164 23.78 24.81 12.78
C HIS B 164 25.14 24.45 12.15
N ARG B 165 25.73 23.32 12.56
CA ARG B 165 27.04 22.93 12.01
C ARG B 165 26.98 22.60 10.52
N ALA B 166 25.94 21.87 10.12
CA ALA B 166 25.63 21.58 8.71
C ALA B 166 25.55 22.86 7.89
N LEU B 167 24.76 23.81 8.37
CA LEU B 167 24.63 25.12 7.72
C LEU B 167 25.95 25.89 7.62
N GLN B 168 26.76 25.86 8.69
CA GLN B 168 28.09 26.50 8.68
C GLN B 168 29.02 25.89 7.63
N LEU B 169 28.87 24.59 7.37
CA LEU B 169 29.76 23.86 6.45
C LEU B 169 29.34 23.99 4.99
N ALA B 170 28.10 24.47 4.77
CA ALA B 170 27.56 24.68 3.43
C ALA B 170 27.83 26.09 2.83
N GLN B 171 28.19 26.13 1.54
CA GLN B 171 28.15 27.38 0.75
C GLN B 171 26.75 27.71 0.25
N ARG B 172 26.09 26.70 -0.31
CA ARG B 172 24.71 26.77 -0.76
C ARG B 172 23.79 27.06 0.42
N PRO B 173 22.74 27.85 0.19
CA PRO B 173 21.71 28.08 1.20
C PRO B 173 21.01 26.75 1.47
N VAL B 174 20.82 26.42 2.73
CA VAL B 174 20.17 25.15 3.07
C VAL B 174 18.73 25.41 3.48
N SER B 175 17.80 24.63 2.92
CA SER B 175 16.40 24.77 3.26
C SER B 175 15.97 23.71 4.27
N LEU B 176 15.33 24.15 5.37
CA LEU B 176 14.82 23.23 6.38
C LEU B 176 13.35 22.95 6.13
N LEU B 177 12.97 21.69 6.31
CA LEU B 177 11.60 21.24 6.13
C LEU B 177 11.15 20.49 7.39
N ALA B 178 10.02 20.89 7.98
CA ALA B 178 9.53 20.25 9.23
C ALA B 178 8.29 19.42 8.96
N SER B 179 8.19 18.29 9.65
CA SER B 179 7.01 17.39 9.60
C SER B 179 6.75 16.82 10.97
N PRO B 180 5.48 16.84 11.41
CA PRO B 180 5.04 16.17 12.64
C PRO B 180 4.56 14.73 12.37
N TRP B 181 4.86 13.82 13.30
CA TRP B 181 4.29 12.46 13.24
C TRP B 181 3.00 12.42 14.07
N THR B 182 3.10 12.80 15.34
CA THR B 182 1.93 12.84 16.21
C THR B 182 1.76 14.21 16.89
N SER B 183 0.50 14.56 17.17
CA SER B 183 0.16 15.60 18.12
C SER B 183 0.26 15.08 19.56
N PRO B 184 0.29 16.00 20.56
CA PRO B 184 -0.01 15.52 21.93
C PRO B 184 -1.22 14.60 21.97
N THR B 185 -1.17 13.62 22.86
CA THR B 185 -2.18 12.55 22.93
C THR B 185 -3.51 13.11 23.39
N TRP B 186 -3.48 14.22 24.12
CA TRP B 186 -4.71 14.78 24.68
C TRP B 186 -5.50 15.52 23.61
N LEU B 187 -4.90 15.68 22.43
CA LEU B 187 -5.61 16.24 21.26
C LEU B 187 -6.22 15.16 20.38
N LYS B 188 -5.96 13.90 20.72
CA LYS B 188 -6.28 12.81 19.82
C LYS B 188 -7.43 11.96 20.30
N THR B 189 -8.21 11.43 19.35
CA THR B 189 -9.41 10.64 19.63
C THR B 189 -9.11 9.37 20.43
N ASN B 190 -7.93 8.79 20.20
CA ASN B 190 -7.53 7.55 20.87
C ASN B 190 -6.62 7.76 22.08
N GLY B 191 -6.21 8.99 22.37
CA GLY B 191 -5.31 9.29 23.49
C GLY B 191 -3.97 8.58 23.56
N ALA B 192 -3.39 8.25 22.40
CA ALA B 192 -2.09 7.59 22.33
C ALA B 192 -1.30 8.11 21.11
N VAL B 193 0.02 7.94 21.13
CA VAL B 193 0.92 8.52 20.10
C VAL B 193 0.79 7.78 18.78
N ASN B 194 0.41 6.51 18.88
CA ASN B 194 0.30 5.58 17.77
C ASN B 194 -1.12 5.04 17.66
N GLY B 195 -1.31 3.97 16.89
CA GLY B 195 -2.65 3.38 16.66
C GLY B 195 -3.57 4.26 15.82
N LYS B 196 -4.77 3.76 15.53
CA LYS B 196 -5.74 4.49 14.73
C LYS B 196 -6.34 5.65 15.55
N GLY B 197 -6.24 6.85 15.02
CA GLY B 197 -6.68 8.03 15.76
C GLY B 197 -6.40 9.32 15.02
N SER B 198 -7.31 10.27 15.17
CA SER B 198 -7.12 11.58 14.59
C SER B 198 -7.29 12.62 15.69
N LEU B 199 -7.15 13.90 15.33
CA LEU B 199 -7.54 14.96 16.23
C LEU B 199 -9.01 14.76 16.60
N LYS B 200 -9.32 14.98 17.89
CA LYS B 200 -10.70 15.11 18.34
C LYS B 200 -11.40 16.25 17.58
N GLY B 201 -12.72 16.13 17.46
CA GLY B 201 -13.59 17.19 17.03
C GLY B 201 -13.54 17.39 15.53
N GLN B 202 -13.63 18.65 15.12
CA GLN B 202 -13.62 18.98 13.69
CA GLN B 202 -13.63 18.97 13.68
C GLN B 202 -12.79 20.22 13.41
N PRO B 203 -12.25 20.34 12.17
CA PRO B 203 -11.53 21.52 11.82
C PRO B 203 -12.30 22.80 12.14
N GLY B 204 -11.57 23.80 12.61
CA GLY B 204 -12.19 25.06 13.06
C GLY B 204 -12.48 25.11 14.56
N ASP B 205 -12.34 23.97 15.24
CA ASP B 205 -12.61 23.87 16.72
C ASP B 205 -11.36 23.97 17.60
N ILE B 206 -11.57 23.96 18.92
CA ILE B 206 -10.49 24.23 19.85
C ILE B 206 -9.27 23.30 19.69
N TYR B 207 -9.52 22.04 19.36
CA TYR B 207 -8.44 21.04 19.23
C TYR B 207 -7.62 21.29 17.97
N HIS B 208 -8.33 21.66 16.90
CA HIS B 208 -7.69 21.97 15.63
C HIS B 208 -6.96 23.30 15.67
N GLN B 209 -7.57 24.29 16.32
CA GLN B 209 -6.91 25.58 16.55
C GLN B 209 -5.65 25.38 17.40
N THR B 210 -5.72 24.54 18.43
CA THR B 210 -4.52 24.26 19.24
C THR B 210 -3.46 23.57 18.40
N TRP B 211 -3.87 22.60 17.60
CA TRP B 211 -2.86 21.86 16.77
C TRP B 211 -2.13 22.77 15.78
N ALA B 212 -2.89 23.66 15.13
CA ALA B 212 -2.32 24.71 14.27
C ALA B 212 -1.35 25.61 15.04
N ARG B 213 -1.73 26.03 16.25
CA ARG B 213 -0.89 26.94 17.04
C ARG B 213 0.43 26.27 17.40
N TYR B 214 0.41 24.94 17.58
CA TYR B 214 1.57 24.15 17.91
C TYR B 214 2.63 24.25 16.81
N PHE B 215 2.20 24.31 15.55
CA PHE B 215 3.15 24.55 14.44
C PHE B 215 3.83 25.91 14.64
N VAL B 216 3.06 26.93 14.98
CA VAL B 216 3.61 28.29 15.12
C VAL B 216 4.58 28.31 16.29
N LYS B 217 4.20 27.65 17.40
CA LYS B 217 5.07 27.53 18.57
C LYS B 217 6.36 26.80 18.23
N PHE B 218 6.25 25.74 17.44
CA PHE B 218 7.46 25.02 17.00
C PHE B 218 8.41 25.98 16.25
N LEU B 219 7.86 26.73 15.28
CA LEU B 219 8.64 27.66 14.44
C LEU B 219 9.22 28.82 15.27
N ASP B 220 8.43 29.33 16.20
CA ASP B 220 8.93 30.26 17.25
C ASP B 220 10.13 29.71 17.98
N ALA B 221 10.03 28.48 18.48
CA ALA B 221 11.07 27.91 19.31
C ALA B 221 12.37 27.69 18.53
N TYR B 222 12.25 27.22 17.29
CA TYR B 222 13.43 27.05 16.42
C TYR B 222 14.05 28.41 16.02
N ALA B 223 13.20 29.40 15.78
CA ALA B 223 13.67 30.76 15.47
C ALA B 223 14.36 31.40 16.67
N GLU B 224 13.99 31.04 17.90
CA GLU B 224 14.74 31.48 19.08
C GLU B 224 16.19 31.02 18.95
N HIS B 225 16.36 29.84 18.33
CA HIS B 225 17.69 29.31 18.09
C HIS B 225 18.28 29.76 16.76
N LYS B 226 17.66 30.75 16.11
CA LYS B 226 18.11 31.31 14.86
C LYS B 226 18.10 30.28 13.74
N LEU B 227 17.09 29.41 13.76
CA LEU B 227 16.84 28.52 12.63
C LEU B 227 15.49 28.89 12.06
N GLN B 228 15.43 29.04 10.74
CA GLN B 228 14.15 29.26 10.06
C GLN B 228 13.85 28.18 9.01
N PHE B 229 12.57 27.94 8.79
CA PHE B 229 12.14 26.88 7.89
C PHE B 229 11.72 27.41 6.55
N TRP B 230 12.11 26.67 5.52
CA TRP B 230 11.63 26.91 4.17
C TRP B 230 10.17 26.45 4.06
N ALA B 231 9.88 25.29 4.66
CA ALA B 231 8.57 24.63 4.54
C ALA B 231 8.22 23.75 5.72
N VAL B 232 6.93 23.53 5.91
CA VAL B 232 6.40 22.47 6.76
C VAL B 232 5.42 21.61 5.97
N THR B 233 5.25 20.35 6.37
CA THR B 233 4.20 19.51 5.77
C THR B 233 3.05 19.46 6.75
N ALA B 234 1.83 19.24 6.22
CA ALA B 234 0.61 19.23 7.03
C ALA B 234 0.54 18.06 8.06
N GLU B 235 1.34 17.01 7.88
CA GLU B 235 1.38 15.80 8.72
C GLU B 235 2.22 14.79 7.96
N ASN B 236 3.14 14.10 8.64
CA ASN B 236 3.79 12.97 8.02
C ASN B 236 2.79 11.84 7.81
N GLU B 237 2.75 11.29 6.60
CA GLU B 237 1.87 10.13 6.28
C GLU B 237 0.57 10.12 7.02
N PRO B 238 -0.34 11.09 6.71
CA PRO B 238 -1.63 11.17 7.43
C PRO B 238 -2.49 9.89 7.27
N SER B 239 -2.34 9.16 6.16
CA SER B 239 -3.06 7.88 6.04
C SER B 239 -2.70 6.86 7.14
N ALA B 240 -1.46 6.92 7.65
CA ALA B 240 -1.00 5.96 8.68
C ALA B 240 -1.95 5.92 9.88
N GLY B 241 -2.42 7.07 10.31
CA GLY B 241 -3.27 7.13 11.50
C GLY B 241 -4.69 6.70 11.23
N LEU B 242 -4.96 6.20 10.02
CA LEU B 242 -6.29 5.65 9.68
C LEU B 242 -6.30 4.15 9.79
N LEU B 243 -5.14 3.61 10.16
CA LEU B 243 -4.93 2.17 10.11
C LEU B 243 -4.90 1.63 11.53
N SER B 244 -5.80 0.68 11.81
CA SER B 244 -5.84 0.01 13.13
C SER B 244 -4.49 -0.55 13.52
N GLY B 245 -4.10 -0.32 14.76
CA GLY B 245 -2.84 -0.81 15.30
C GLY B 245 -1.55 -0.15 14.81
N TYR B 246 -1.65 0.87 13.97
CA TYR B 246 -0.42 1.52 13.45
C TYR B 246 0.64 1.66 14.55
N PRO B 247 1.84 1.08 14.34
CA PRO B 247 2.76 0.81 15.45
C PRO B 247 3.53 2.00 16.05
N PHE B 248 3.60 3.10 15.34
CA PHE B 248 4.33 4.22 15.94
C PHE B 248 3.66 5.54 15.66
N GLN B 249 4.32 6.64 16.04
CA GLN B 249 3.71 7.98 16.05
C GLN B 249 3.01 8.33 14.74
N CYS B 250 1.73 8.67 14.85
CA CYS B 250 0.93 8.98 13.65
C CYS B 250 -0.24 9.86 14.06
N LEU B 251 -0.96 10.41 13.08
CA LEU B 251 -2.13 11.26 13.31
C LEU B 251 -2.95 11.22 12.04
N GLY B 252 -4.10 10.55 12.08
CA GLY B 252 -4.80 10.24 10.85
C GLY B 252 -5.62 11.38 10.29
N PHE B 253 -5.50 11.60 8.99
CA PHE B 253 -6.39 12.53 8.29
C PHE B 253 -6.84 11.83 7.01
N THR B 254 -8.14 11.83 6.73
CA THR B 254 -8.61 11.67 5.35
C THR B 254 -8.26 12.92 4.53
N PRO B 255 -8.34 12.85 3.19
CA PRO B 255 -8.04 14.09 2.41
C PRO B 255 -9.04 15.24 2.68
N GLU B 256 -10.27 14.90 3.02
CA GLU B 256 -11.27 15.91 3.38
C GLU B 256 -10.88 16.57 4.70
N HIS B 257 -10.42 15.75 5.66
CA HIS B 257 -10.05 16.24 6.98
C HIS B 257 -8.81 17.13 6.85
N GLN B 258 -7.86 16.71 6.01
CA GLN B 258 -6.69 17.56 5.77
C GLN B 258 -7.09 18.86 5.04
N ARG B 259 -7.93 18.76 4.01
CA ARG B 259 -8.46 19.95 3.32
C ARG B 259 -9.03 20.98 4.31
N ASP B 260 -9.93 20.54 5.19
CA ASP B 260 -10.63 21.47 6.08
C ASP B 260 -9.73 22.05 7.17
N PHE B 261 -8.83 21.21 7.69
CA PHE B 261 -7.81 21.63 8.64
C PHE B 261 -6.88 22.73 8.08
N ILE B 262 -6.40 22.55 6.84
CA ILE B 262 -5.58 23.55 6.20
C ILE B 262 -6.41 24.82 5.94
N ALA B 263 -7.64 24.66 5.42
CA ALA B 263 -8.52 25.80 5.12
C ALA B 263 -8.90 26.64 6.36
N ARG B 264 -9.25 25.97 7.45
CA ARG B 264 -9.76 26.66 8.65
C ARG B 264 -8.70 26.99 9.70
N ASP B 265 -7.70 26.14 9.86
CA ASP B 265 -6.82 26.20 11.00
C ASP B 265 -5.36 26.48 10.64
N LEU B 266 -4.72 25.53 9.96
CA LEU B 266 -3.27 25.61 9.71
C LEU B 266 -2.93 26.74 8.74
N GLY B 267 -3.63 26.83 7.62
CA GLY B 267 -3.39 27.90 6.65
C GLY B 267 -3.47 29.30 7.27
N PRO B 268 -4.65 29.68 7.75
CA PRO B 268 -4.84 30.99 8.41
C PRO B 268 -3.93 31.27 9.62
N THR B 269 -3.64 30.26 10.42
CA THR B 269 -2.79 30.45 11.59
C THR B 269 -1.33 30.79 11.20
N LEU B 270 -0.79 30.04 10.23
CA LEU B 270 0.53 30.32 9.69
C LEU B 270 0.54 31.71 9.02
N ALA B 271 -0.45 31.94 8.15
CA ALA B 271 -0.57 33.18 7.41
C ALA B 271 -0.57 34.40 8.33
N ASN B 272 -1.19 34.27 9.48
CA ASN B 272 -1.28 35.36 10.45
C ASN B 272 -0.04 35.54 11.34
N SER B 273 0.96 34.68 11.22
CA SER B 273 2.12 34.74 12.12
C SER B 273 3.33 35.37 11.44
N THR B 274 4.43 35.54 12.19
CA THR B 274 5.67 36.05 11.63
C THR B 274 6.26 35.06 10.63
N HIS B 275 5.71 33.83 10.64
CA HIS B 275 6.18 32.73 9.78
C HIS B 275 5.38 32.56 8.49
N HIS B 276 4.69 33.63 8.07
CA HIS B 276 3.79 33.57 6.91
C HIS B 276 4.48 33.16 5.59
N ASN B 277 5.79 33.31 5.52
CA ASN B 277 6.55 32.96 4.32
C ASN B 277 6.99 31.49 4.32
N VAL B 278 6.86 30.80 5.46
CA VAL B 278 7.14 29.37 5.46
C VAL B 278 6.11 28.72 4.50
N ARG B 279 6.57 27.89 3.56
CA ARG B 279 5.66 27.14 2.65
C ARG B 279 4.95 25.98 3.36
N LEU B 280 3.75 25.67 2.90
CA LEU B 280 2.99 24.55 3.46
C LEU B 280 2.85 23.51 2.37
N LEU B 281 3.35 22.30 2.66
CA LEU B 281 3.24 21.18 1.74
C LEU B 281 2.18 20.20 2.25
N MET B 282 1.29 19.77 1.35
CA MET B 282 0.26 18.78 1.70
C MET B 282 0.71 17.35 1.37
N LEU B 283 -0.13 16.39 1.79
CA LEU B 283 0.05 14.94 1.56
C LEU B 283 1.17 14.38 2.42
N ASP B 284 2.43 14.50 1.97
CA ASP B 284 3.59 13.93 2.67
C ASP B 284 3.31 12.43 2.89
N ASP B 285 2.97 11.78 1.80
CA ASP B 285 2.47 10.41 1.85
C ASP B 285 2.70 9.74 0.48
N GLN B 286 2.25 8.48 0.34
CA GLN B 286 2.54 7.64 -0.84
C GLN B 286 1.90 8.22 -2.06
N ARG B 287 2.65 8.21 -3.17
CA ARG B 287 2.18 8.90 -4.37
C ARG B 287 0.93 8.27 -4.98
N LEU B 288 0.60 7.03 -4.62
CA LEU B 288 -0.65 6.39 -5.10
C LEU B 288 -1.88 7.18 -4.64
N LEU B 289 -1.72 8.03 -3.63
CA LEU B 289 -2.82 8.86 -3.13
C LEU B 289 -3.17 10.00 -4.09
N LEU B 290 -2.35 10.14 -5.13
CA LEU B 290 -2.51 11.15 -6.17
C LEU B 290 -3.09 10.52 -7.43
N PRO B 291 -3.90 11.26 -8.22
CA PRO B 291 -4.30 12.65 -7.98
C PRO B 291 -5.44 12.87 -6.98
N HIS B 292 -6.10 11.81 -6.51
CA HIS B 292 -7.27 12.00 -5.59
C HIS B 292 -7.03 13.06 -4.49
N TRP B 293 -5.94 12.94 -3.72
CA TRP B 293 -5.73 13.90 -2.62
C TRP B 293 -5.58 15.35 -3.09
N ALA B 294 -4.84 15.54 -4.20
CA ALA B 294 -4.69 16.83 -4.84
C ALA B 294 -6.07 17.43 -5.18
N LYS B 295 -6.92 16.65 -5.86
CA LYS B 295 -8.26 17.13 -6.21
C LYS B 295 -9.08 17.51 -4.97
N VAL B 296 -9.16 16.64 -3.98
CA VAL B 296 -9.88 16.96 -2.74
C VAL B 296 -9.40 18.30 -2.07
N VAL B 297 -8.09 18.46 -1.88
CA VAL B 297 -7.60 19.66 -1.16
C VAL B 297 -7.66 20.92 -2.06
N LEU B 298 -7.18 20.79 -3.30
CA LEU B 298 -6.90 21.96 -4.15
C LEU B 298 -8.09 22.47 -4.97
N THR B 299 -9.18 21.72 -5.02
CA THR B 299 -10.39 22.26 -5.65
C THR B 299 -11.21 23.11 -4.66
N ASP B 300 -10.79 23.11 -3.39
CA ASP B 300 -11.34 24.01 -2.38
C ASP B 300 -10.51 25.30 -2.32
N PRO B 301 -11.09 26.42 -2.82
CA PRO B 301 -10.39 27.72 -2.88
C PRO B 301 -9.76 28.16 -1.54
N GLU B 302 -10.42 27.88 -0.42
CA GLU B 302 -9.92 28.23 0.91
C GLU B 302 -8.70 27.44 1.36
N ALA B 303 -8.54 26.20 0.89
CA ALA B 303 -7.36 25.40 1.21
C ALA B 303 -6.26 25.70 0.21
N ALA B 304 -6.64 25.74 -1.08
CA ALA B 304 -5.71 25.97 -2.20
C ALA B 304 -4.87 27.22 -2.02
N LYS B 305 -5.46 28.27 -1.45
CA LYS B 305 -4.71 29.50 -1.25
C LYS B 305 -3.54 29.36 -0.28
N TYR B 306 -3.57 28.34 0.57
CA TYR B 306 -2.51 28.12 1.54
C TYR B 306 -1.47 27.06 1.17
N VAL B 307 -1.71 26.31 0.09
CA VAL B 307 -0.90 25.13 -0.22
C VAL B 307 0.08 25.45 -1.32
N HIS B 308 1.35 25.34 -1.00
CA HIS B 308 2.42 25.65 -1.96
C HIS B 308 2.80 24.41 -2.80
N GLY B 309 2.77 23.24 -2.18
CA GLY B 309 3.27 22.06 -2.85
C GLY B 309 2.69 20.79 -2.30
N ILE B 310 3.05 19.69 -2.95
CA ILE B 310 2.55 18.37 -2.55
C ILE B 310 3.81 17.52 -2.30
N ALA B 311 3.95 16.98 -1.10
CA ALA B 311 5.09 16.12 -0.77
C ALA B 311 4.71 14.61 -0.90
N VAL B 312 5.63 13.81 -1.42
CA VAL B 312 5.37 12.38 -1.66
C VAL B 312 6.46 11.47 -1.07
N HIS B 313 6.02 10.29 -0.60
CA HIS B 313 6.92 9.25 -0.08
C HIS B 313 6.98 8.16 -1.13
N TRP B 314 8.08 7.41 -1.15
CA TRP B 314 8.35 6.48 -2.24
C TRP B 314 7.96 5.01 -1.98
N TYR B 315 7.39 4.71 -0.81
CA TYR B 315 7.43 3.32 -0.29
C TYR B 315 6.54 2.32 -1.01
N LEU B 316 5.49 2.84 -1.64
CA LEU B 316 4.57 2.02 -2.39
C LEU B 316 4.54 2.43 -3.89
N ASP B 317 5.66 2.95 -4.39
CA ASP B 317 5.73 3.34 -5.81
C ASP B 317 5.35 2.23 -6.80
N PHE B 318 5.63 0.97 -6.45
CA PHE B 318 5.25 -0.21 -7.28
C PHE B 318 3.77 -0.24 -7.65
N LEU B 319 2.93 0.37 -6.80
CA LEU B 319 1.48 0.41 -6.99
C LEU B 319 1.01 1.72 -7.65
N ALA B 320 1.96 2.54 -8.10
CA ALA B 320 1.62 3.90 -8.51
C ALA B 320 2.47 4.28 -9.73
N PRO B 321 2.03 3.91 -10.94
CA PRO B 321 2.81 4.39 -12.11
C PRO B 321 2.95 5.90 -12.10
N ALA B 322 4.18 6.37 -12.32
CA ALA B 322 4.47 7.80 -12.23
C ALA B 322 3.53 8.68 -13.09
N LYS B 323 3.28 8.27 -14.34
CA LYS B 323 2.44 9.02 -15.27
C LYS B 323 1.03 9.20 -14.70
N ALA B 324 0.46 8.13 -14.15
CA ALA B 324 -0.92 8.17 -13.66
C ALA B 324 -1.07 8.97 -12.37
N THR B 325 0.04 9.30 -11.73
CA THR B 325 -0.02 9.87 -10.36
C THR B 325 0.61 11.26 -10.36
N LEU B 326 1.94 11.27 -10.42
CA LEU B 326 2.73 12.50 -10.55
C LEU B 326 2.34 13.25 -11.83
N GLY B 327 2.29 12.55 -12.96
CA GLY B 327 2.02 13.20 -14.28
C GLY B 327 0.66 13.84 -14.31
N GLU B 328 -0.36 13.10 -13.88
CA GLU B 328 -1.75 13.58 -13.86
C GLU B 328 -1.97 14.76 -12.89
N THR B 329 -1.31 14.72 -11.73
CA THR B 329 -1.41 15.77 -10.72
C THR B 329 -0.79 17.07 -11.28
N HIS B 330 0.33 16.94 -11.96
CA HIS B 330 0.96 18.08 -12.57
C HIS B 330 0.08 18.69 -13.67
N ARG B 331 -0.55 17.83 -14.47
CA ARG B 331 -1.44 18.30 -15.54
C ARG B 331 -2.61 19.09 -14.97
N LEU B 332 -3.19 18.58 -13.87
CA LEU B 332 -4.37 19.18 -13.24
C LEU B 332 -4.03 20.44 -12.45
N PHE B 333 -2.88 20.42 -11.76
CA PHE B 333 -2.43 21.46 -10.83
C PHE B 333 -0.97 21.83 -11.11
N PRO B 334 -0.71 22.39 -12.29
CA PRO B 334 0.63 22.69 -12.73
C PRO B 334 1.40 23.74 -11.90
N ASN B 335 0.69 24.57 -11.13
CA ASN B 335 1.32 25.62 -10.30
C ASN B 335 1.61 25.14 -8.88
N THR B 336 1.26 23.89 -8.61
CA THR B 336 1.48 23.33 -7.30
C THR B 336 2.65 22.34 -7.41
N MET B 337 3.78 22.68 -6.81
CA MET B 337 4.97 21.84 -6.98
C MET B 337 4.83 20.44 -6.32
N LEU B 338 5.50 19.46 -6.91
CA LEU B 338 5.61 18.10 -6.39
C LEU B 338 7.04 17.93 -5.87
N PHE B 339 7.16 17.33 -4.70
CA PHE B 339 8.44 17.26 -3.98
C PHE B 339 8.52 15.90 -3.26
N ALA B 340 9.64 15.17 -3.43
CA ALA B 340 9.81 13.89 -2.74
C ALA B 340 10.47 14.12 -1.39
N SER B 341 9.76 13.85 -0.29
CA SER B 341 10.14 14.27 1.03
C SER B 341 10.66 13.15 1.94
N GLU B 342 10.49 11.88 1.53
CA GLU B 342 11.03 10.76 2.33
C GLU B 342 11.17 9.46 1.54
N ALA B 343 12.35 8.86 1.66
CA ALA B 343 12.63 7.54 1.06
C ALA B 343 13.68 6.82 1.91
N CYS B 344 13.55 5.49 2.05
CA CYS B 344 14.65 4.68 2.54
C CYS B 344 14.45 3.23 2.08
N VAL B 345 15.55 2.48 2.07
CA VAL B 345 15.47 1.07 1.72
C VAL B 345 15.55 0.24 3.00
N GLY B 346 15.11 -1.01 2.94
CA GLY B 346 15.24 -1.92 4.08
C GLY B 346 14.04 -1.90 5.02
N SER B 347 12.97 -1.24 4.62
CA SER B 347 11.83 -1.02 5.52
C SER B 347 10.70 -2.04 5.40
N LYS B 348 10.76 -2.89 4.37
CA LYS B 348 9.77 -3.98 4.18
C LYS B 348 10.10 -5.12 5.14
N PHE B 349 9.07 -5.85 5.60
CA PHE B 349 9.28 -6.84 6.67
C PHE B 349 10.26 -7.95 6.32
N TRP B 350 10.28 -8.35 5.06
CA TRP B 350 11.15 -9.44 4.57
C TRP B 350 12.54 -8.98 4.17
N GLU B 351 12.79 -7.67 4.26
CA GLU B 351 14.08 -7.13 3.81
C GLU B 351 15.08 -7.08 4.95
N GLN B 352 16.35 -7.30 4.63
CA GLN B 352 17.39 -7.07 5.58
C GLN B 352 17.47 -5.56 5.78
N SER B 353 17.59 -5.13 7.04
CA SER B 353 17.61 -3.69 7.35
C SER B 353 18.81 -2.94 6.72
N VAL B 354 20.03 -3.37 7.05
CA VAL B 354 21.25 -2.74 6.53
C VAL B 354 22.03 -3.76 5.68
N ARG B 355 22.30 -3.42 4.42
CA ARG B 355 23.11 -4.29 3.59
C ARG B 355 24.35 -3.48 3.15
N LEU B 356 25.39 -3.49 3.98
CA LEU B 356 26.57 -2.65 3.77
C LEU B 356 27.27 -2.86 2.41
N GLY B 357 27.17 -1.84 1.56
CA GLY B 357 27.81 -1.87 0.26
C GLY B 357 26.89 -2.29 -0.86
N SER B 358 25.58 -2.26 -0.60
CA SER B 358 24.57 -2.70 -1.56
C SER B 358 24.48 -1.77 -2.78
N TRP B 359 24.89 -2.30 -3.92
CA TRP B 359 24.76 -1.60 -5.17
C TRP B 359 23.28 -1.51 -5.58
N ASP B 360 22.49 -2.56 -5.32
CA ASP B 360 21.05 -2.58 -5.61
C ASP B 360 20.37 -1.38 -4.96
N ARG B 361 20.67 -1.17 -3.69
CA ARG B 361 20.05 -0.08 -2.94
C ARG B 361 20.44 1.32 -3.50
N GLY B 362 21.71 1.48 -3.91
CA GLY B 362 22.15 2.69 -4.60
C GLY B 362 21.34 2.93 -5.89
N MET B 363 21.16 1.88 -6.69
CA MET B 363 20.38 2.00 -7.94
CA MET B 363 20.37 2.00 -7.94
C MET B 363 18.90 2.33 -7.70
N GLN B 364 18.33 1.82 -6.61
CA GLN B 364 16.96 2.17 -6.26
C GLN B 364 16.83 3.68 -6.01
N TYR B 365 17.80 4.28 -5.33
CA TYR B 365 17.78 5.75 -5.11
C TYR B 365 17.83 6.53 -6.44
N SER B 366 18.83 6.26 -7.29
CA SER B 366 18.94 7.00 -8.55
C SER B 366 17.80 6.73 -9.52
N HIS B 367 17.36 5.47 -9.63
CA HIS B 367 16.18 5.17 -10.46
C HIS B 367 14.97 6.05 -10.00
N SER B 368 14.74 6.14 -8.71
CA SER B 368 13.62 6.95 -8.14
C SER B 368 13.85 8.44 -8.45
N ILE B 369 15.07 8.88 -8.22
CA ILE B 369 15.36 10.33 -8.41
C ILE B 369 15.11 10.70 -9.89
N ILE B 370 15.69 9.92 -10.79
CA ILE B 370 15.48 10.17 -12.23
C ILE B 370 14.00 10.16 -12.61
N THR B 371 13.25 9.15 -12.15
CA THR B 371 11.85 8.99 -12.50
C THR B 371 11.05 10.17 -11.96
N ASN B 372 11.36 10.57 -10.72
CA ASN B 372 10.70 11.75 -10.09
C ASN B 372 10.94 13.01 -10.94
N LEU B 373 12.21 13.28 -11.25
CA LEU B 373 12.59 14.40 -12.14
C LEU B 373 11.89 14.36 -13.49
N LEU B 374 11.66 13.17 -14.06
CA LEU B 374 11.02 13.07 -15.37
C LEU B 374 9.54 13.36 -15.29
N TYR B 375 9.00 13.38 -14.07
CA TYR B 375 7.57 13.64 -13.84
C TYR B 375 7.36 14.81 -12.88
N HIS B 376 8.24 15.81 -13.07
CA HIS B 376 8.06 17.19 -12.58
C HIS B 376 8.43 17.44 -11.12
N VAL B 377 8.96 16.43 -10.44
CA VAL B 377 9.31 16.59 -9.02
C VAL B 377 10.52 17.52 -8.89
N VAL B 378 10.45 18.45 -7.93
CA VAL B 378 11.43 19.53 -7.82
C VAL B 378 12.55 19.23 -6.83
N GLY B 379 12.42 18.14 -6.07
CA GLY B 379 13.44 17.79 -5.10
C GLY B 379 13.24 16.40 -4.53
N TRP B 380 14.27 15.88 -3.86
CA TRP B 380 14.21 14.53 -3.34
C TRP B 380 14.95 14.47 -2.01
N THR B 381 14.29 13.90 -1.01
CA THR B 381 14.82 13.87 0.35
C THR B 381 14.90 12.45 0.89
N ASP B 382 16.12 12.05 1.25
CA ASP B 382 16.39 10.86 1.98
C ASP B 382 15.76 10.91 3.39
N TRP B 383 15.59 9.73 3.99
CA TRP B 383 15.20 9.61 5.40
C TRP B 383 16.47 9.79 6.32
N ASN B 384 16.68 8.97 7.36
CA ASN B 384 17.82 9.14 8.28
C ASN B 384 19.16 9.42 7.61
N LEU B 385 19.76 10.58 7.94
CA LEU B 385 21.10 10.94 7.44
C LEU B 385 22.15 9.92 7.84
N ALA B 386 21.99 9.31 9.01
CA ALA B 386 22.92 8.26 9.46
C ALA B 386 22.22 7.27 10.37
N LEU B 387 22.60 5.99 10.27
CA LEU B 387 22.13 4.99 11.25
C LEU B 387 23.29 4.13 11.73
N ASN B 388 23.05 3.34 12.77
CA ASN B 388 24.09 2.40 13.21
C ASN B 388 23.99 1.13 12.32
N PRO B 389 24.93 0.18 12.47
CA PRO B 389 24.86 -1.03 11.61
C PRO B 389 23.64 -1.95 11.76
N GLU B 390 22.92 -1.84 12.87
CA GLU B 390 21.62 -2.48 13.04
C GLU B 390 20.48 -1.77 12.28
N GLY B 391 20.73 -0.51 11.91
CA GLY B 391 19.72 0.28 11.18
C GLY B 391 18.88 1.09 12.15
N GLY B 392 19.45 1.40 13.31
CA GLY B 392 18.76 2.18 14.33
C GLY B 392 19.60 3.30 14.91
N PRO B 393 19.25 3.76 16.13
CA PRO B 393 18.17 3.23 16.99
C PRO B 393 16.72 3.59 16.58
N ASN B 394 15.78 2.82 17.11
CA ASN B 394 14.38 2.94 16.73
C ASN B 394 13.57 2.29 17.85
N TRP B 395 12.69 3.06 18.51
CA TRP B 395 12.04 2.59 19.77
C TRP B 395 11.08 1.43 19.52
N VAL B 396 10.73 1.26 18.24
CA VAL B 396 9.79 0.23 17.83
C VAL B 396 10.54 -0.86 17.03
N ARG B 397 11.87 -0.75 17.02
CA ARG B 397 12.79 -1.69 16.32
C ARG B 397 12.46 -1.82 14.82
N ASN B 398 11.89 -0.76 14.27
CA ASN B 398 11.59 -0.67 12.84
C ASN B 398 12.88 -0.24 12.09
N PHE B 399 13.92 -1.09 12.11
CA PHE B 399 15.22 -0.69 11.55
C PHE B 399 15.26 -0.68 10.02
N VAL B 400 15.95 0.32 9.45
CA VAL B 400 16.12 0.43 8.01
C VAL B 400 17.58 0.73 7.64
N ASP B 401 17.84 0.95 6.34
CA ASP B 401 19.17 1.31 5.86
C ASP B 401 19.28 2.85 5.74
N SER B 402 20.53 3.35 5.69
CA SER B 402 20.88 4.75 5.47
C SER B 402 22.14 4.89 4.58
N PRO B 403 22.25 5.98 3.77
CA PRO B 403 23.51 6.15 3.01
C PRO B 403 24.80 6.19 3.82
N ILE B 404 24.73 6.59 5.09
CA ILE B 404 25.93 6.54 5.92
C ILE B 404 25.64 5.70 7.17
N ILE B 405 26.57 4.79 7.46
CA ILE B 405 26.44 3.91 8.63
C ILE B 405 27.61 4.17 9.61
N VAL B 406 27.27 4.44 10.87
CA VAL B 406 28.25 4.80 11.90
C VAL B 406 28.56 3.60 12.79
N ASP B 407 29.83 3.25 12.88
CA ASP B 407 30.28 2.21 13.79
C ASP B 407 31.03 2.84 14.97
N ILE B 408 30.31 3.11 16.05
CA ILE B 408 30.86 3.75 17.22
C ILE B 408 32.07 3.01 17.83
N THR B 409 32.09 1.68 17.75
CA THR B 409 33.19 0.92 18.34
C THR B 409 34.50 1.15 17.62
N LYS B 410 34.43 1.67 16.39
CA LYS B 410 35.64 1.90 15.63
C LYS B 410 35.85 3.38 15.30
N ASP B 411 34.98 4.24 15.83
CA ASP B 411 34.98 5.65 15.43
C ASP B 411 35.07 5.77 13.87
N THR B 412 34.33 4.92 13.17
CA THR B 412 34.32 5.02 11.71
C THR B 412 32.90 5.19 11.17
N PHE B 413 32.81 5.72 9.96
CA PHE B 413 31.56 5.72 9.24
C PHE B 413 31.78 5.19 7.82
N TYR B 414 30.77 4.52 7.33
CA TYR B 414 30.81 3.95 6.01
C TYR B 414 29.82 4.65 5.07
N LYS B 415 30.32 5.06 3.91
CA LYS B 415 29.50 5.74 2.89
C LYS B 415 29.08 4.72 1.85
N GLN B 416 27.78 4.46 1.80
CA GLN B 416 27.23 3.40 0.97
C GLN B 416 26.98 3.87 -0.45
N PRO B 417 26.80 2.92 -1.41
CA PRO B 417 26.46 3.32 -2.76
C PRO B 417 25.29 4.34 -2.83
N MET B 418 24.29 4.19 -1.96
CA MET B 418 23.19 5.18 -1.91
C MET B 418 23.71 6.63 -1.77
N PHE B 419 24.78 6.82 -0.97
CA PHE B 419 25.39 8.17 -0.83
C PHE B 419 25.90 8.74 -2.18
N TYR B 420 26.65 7.91 -2.91
CA TYR B 420 27.21 8.31 -4.21
C TYR B 420 26.15 8.47 -5.31
N HIS B 421 25.16 7.57 -5.32
CA HIS B 421 24.02 7.68 -6.22
C HIS B 421 23.25 8.98 -5.99
N LEU B 422 23.04 9.34 -4.74
CA LEU B 422 22.35 10.60 -4.43
C LEU B 422 23.26 11.78 -4.86
N GLY B 423 24.56 11.68 -4.60
CA GLY B 423 25.52 12.72 -4.91
C GLY B 423 25.65 13.02 -6.39
N HIS B 424 25.43 12.01 -7.23
CA HIS B 424 25.41 12.19 -8.71
C HIS B 424 24.40 13.26 -9.15
N PHE B 425 23.37 13.47 -8.30
CA PHE B 425 22.35 14.52 -8.47
C PHE B 425 22.65 15.73 -7.60
N SER B 426 22.81 15.52 -6.29
CA SER B 426 22.80 16.66 -5.37
C SER B 426 24.01 17.56 -5.63
N LYS B 427 25.15 16.93 -5.95
CA LYS B 427 26.38 17.68 -6.13
C LYS B 427 26.31 18.63 -7.35
N PHE B 428 25.63 18.17 -8.39
CA PHE B 428 25.70 18.80 -9.70
C PHE B 428 24.45 19.54 -10.14
N ILE B 429 23.39 19.45 -9.34
CA ILE B 429 22.10 20.03 -9.71
C ILE B 429 21.68 20.98 -8.57
N PRO B 430 22.19 22.20 -8.57
CA PRO B 430 21.83 23.13 -7.47
C PRO B 430 20.40 23.68 -7.60
N GLU B 431 19.90 24.27 -6.53
CA GLU B 431 18.62 24.98 -6.54
C GLU B 431 18.57 25.94 -7.74
N GLY B 432 17.43 25.94 -8.43
CA GLY B 432 17.24 26.76 -9.60
C GLY B 432 17.63 26.09 -10.90
N SER B 433 18.28 24.92 -10.85
CA SER B 433 18.47 24.13 -12.07
C SER B 433 17.13 23.83 -12.69
N GLN B 434 17.10 23.69 -14.02
CA GLN B 434 15.84 23.43 -14.70
C GLN B 434 15.91 22.17 -15.56
N ARG B 435 14.94 21.29 -15.39
CA ARG B 435 14.88 20.06 -16.18
C ARG B 435 14.47 20.46 -17.61
N VAL B 436 15.20 19.93 -18.60
CA VAL B 436 14.87 20.16 -20.03
C VAL B 436 14.55 18.85 -20.76
N GLY B 437 14.06 18.97 -21.99
CA GLY B 437 13.81 17.79 -22.84
C GLY B 437 15.05 16.93 -23.06
N LEU B 438 14.83 15.61 -23.08
CA LEU B 438 15.85 14.61 -23.47
C LEU B 438 15.12 13.48 -24.16
N VAL B 439 15.42 13.25 -25.42
CA VAL B 439 14.74 12.18 -26.19
C VAL B 439 15.72 11.11 -26.64
N ALA B 440 15.24 9.87 -26.70
CA ALA B 440 16.07 8.74 -27.08
C ALA B 440 15.72 8.35 -28.51
N SER B 441 16.71 7.92 -29.29
CA SER B 441 16.50 7.58 -30.68
C SER B 441 15.91 6.18 -30.84
N GLN B 442 16.09 5.35 -29.82
CA GLN B 442 15.55 4.01 -29.82
C GLN B 442 15.20 3.60 -28.40
N LYS B 443 14.37 2.55 -28.25
CA LYS B 443 14.09 1.94 -26.94
C LYS B 443 15.39 1.50 -26.30
N ASN B 444 15.44 1.61 -24.97
CA ASN B 444 16.67 1.35 -24.24
C ASN B 444 16.35 1.12 -22.78
N ASP B 445 17.32 0.55 -22.07
CA ASP B 445 17.16 0.12 -20.68
C ASP B 445 17.80 1.10 -19.72
N LEU B 446 18.25 2.25 -20.21
CA LEU B 446 18.88 3.29 -19.36
C LEU B 446 17.87 4.23 -18.73
N ASP B 447 18.20 4.76 -17.55
CA ASP B 447 17.44 5.88 -17.01
C ASP B 447 18.31 7.12 -17.19
N ALA B 448 17.73 8.16 -17.79
CA ALA B 448 18.46 9.39 -18.08
C ALA B 448 17.60 10.63 -17.90
N VAL B 449 18.24 11.72 -17.48
CA VAL B 449 17.58 12.99 -17.27
C VAL B 449 18.57 14.10 -17.59
N ALA B 450 18.08 15.13 -18.25
CA ALA B 450 18.90 16.30 -18.63
C ALA B 450 18.40 17.53 -17.93
N LEU B 451 19.34 18.29 -17.35
CA LEU B 451 18.97 19.57 -16.76
C LEU B 451 19.90 20.70 -17.16
N MET B 452 19.42 21.92 -17.00
CA MET B 452 20.22 23.11 -17.25
CA MET B 452 20.24 23.09 -17.23
C MET B 452 20.53 23.80 -15.92
N HIS B 453 21.83 23.92 -15.62
CA HIS B 453 22.37 24.61 -14.44
C HIS B 453 21.93 26.09 -14.53
N PRO B 454 21.70 26.76 -13.37
CA PRO B 454 21.44 28.23 -13.45
C PRO B 454 22.46 29.06 -14.29
N ASP B 455 23.73 28.66 -14.28
CA ASP B 455 24.77 29.30 -15.15
C ASP B 455 24.68 29.00 -16.66
N GLY B 456 23.72 28.16 -17.02
CA GLY B 456 23.45 27.84 -18.43
C GLY B 456 24.10 26.56 -18.92
N SER B 457 24.97 25.99 -18.11
CA SER B 457 25.63 24.71 -18.46
C SER B 457 24.70 23.48 -18.31
N ALA B 458 25.08 22.40 -18.96
CA ALA B 458 24.24 21.22 -19.04
C ALA B 458 24.65 20.20 -17.98
N VAL B 459 23.64 19.46 -17.50
CA VAL B 459 23.84 18.29 -16.63
C VAL B 459 22.98 17.12 -17.12
N VAL B 460 23.60 15.96 -17.36
CA VAL B 460 22.89 14.73 -17.75
C VAL B 460 23.35 13.62 -16.81
N VAL B 461 22.38 12.95 -16.18
CA VAL B 461 22.67 11.79 -15.37
C VAL B 461 22.18 10.58 -16.16
N VAL B 462 23.06 9.59 -16.29
CA VAL B 462 22.73 8.34 -16.96
C VAL B 462 22.93 7.14 -16.02
N LEU B 463 21.86 6.40 -15.77
CA LEU B 463 21.91 5.18 -14.95
C LEU B 463 21.66 3.96 -15.80
N ASN B 464 22.57 3.01 -15.66
CA ASN B 464 22.46 1.71 -16.29
C ASN B 464 22.23 0.64 -15.23
N ARG B 465 20.99 0.20 -15.11
CA ARG B 465 20.63 -0.89 -14.18
C ARG B 465 20.85 -2.32 -14.73
N SER B 466 21.29 -2.44 -15.98
CA SER B 466 21.50 -3.75 -16.61
C SER B 466 22.97 -4.16 -16.50
N SER B 467 23.28 -5.41 -16.81
CA SER B 467 24.66 -5.91 -16.75
C SER B 467 25.44 -5.55 -18.01
N LYS B 468 24.75 -5.12 -19.05
CA LYS B 468 25.39 -4.90 -20.35
C LYS B 468 25.80 -3.46 -20.59
N ASP B 469 27.04 -3.28 -21.03
CA ASP B 469 27.53 -1.99 -21.49
C ASP B 469 26.69 -1.52 -22.65
N VAL B 470 26.33 -0.24 -22.61
CA VAL B 470 25.57 0.39 -23.68
C VAL B 470 26.37 1.60 -24.20
N PRO B 471 26.97 1.49 -25.41
CA PRO B 471 27.54 2.72 -25.98
C PRO B 471 26.44 3.70 -26.37
N LEU B 472 26.71 4.99 -26.22
CA LEU B 472 25.70 6.00 -26.54
C LEU B 472 26.34 7.31 -26.88
N THR B 473 25.54 8.15 -27.52
CA THR B 473 25.92 9.48 -27.93
C THR B 473 24.90 10.44 -27.33
N ILE B 474 25.38 11.54 -26.77
CA ILE B 474 24.49 12.61 -26.36
C ILE B 474 24.66 13.76 -27.34
N LYS B 475 23.56 14.29 -27.85
CA LYS B 475 23.62 15.46 -28.73
C LYS B 475 23.09 16.75 -28.07
N ASP B 476 23.91 17.77 -28.03
CA ASP B 476 23.44 19.10 -27.66
C ASP B 476 23.48 19.96 -28.93
N PRO B 477 22.30 20.33 -29.47
CA PRO B 477 22.23 20.97 -30.79
C PRO B 477 23.10 22.23 -30.91
N ALA B 478 23.49 22.80 -29.76
CA ALA B 478 24.28 24.03 -29.70
C ALA B 478 25.81 23.83 -29.60
N VAL B 479 26.26 22.61 -29.30
CA VAL B 479 27.69 22.41 -29.07
C VAL B 479 28.22 21.23 -29.86
N GLY B 480 27.38 20.21 -30.05
CA GLY B 480 27.82 18.98 -30.69
C GLY B 480 27.50 17.71 -29.93
N PHE B 481 28.36 16.71 -30.15
CA PHE B 481 28.06 15.34 -29.78
C PHE B 481 29.10 14.81 -28.80
N LEU B 482 28.61 14.12 -27.77
CA LEU B 482 29.49 13.44 -26.81
C LEU B 482 29.36 11.97 -27.10
N GLU B 483 30.49 11.31 -27.36
CA GLU B 483 30.49 9.88 -27.66
C GLU B 483 30.97 9.22 -26.36
N THR B 484 30.12 8.36 -25.83
CA THR B 484 30.43 7.77 -24.54
C THR B 484 29.96 6.32 -24.48
N ILE B 485 29.99 5.75 -23.28
CA ILE B 485 29.56 4.39 -23.03
C ILE B 485 28.99 4.38 -21.62
N SER B 486 27.89 3.66 -21.44
CA SER B 486 27.30 3.46 -20.14
C SER B 486 27.55 2.04 -19.71
N PRO B 487 28.62 1.81 -18.95
CA PRO B 487 28.86 0.43 -18.56
C PRO B 487 27.74 -0.11 -17.70
N GLY B 488 27.56 -1.42 -17.76
CA GLY B 488 26.64 -2.13 -16.91
C GLY B 488 26.84 -1.75 -15.46
N TYR B 489 25.74 -1.55 -14.74
CA TYR B 489 25.83 -1.27 -13.30
C TYR B 489 26.75 -0.06 -13.06
N SER B 490 26.41 1.04 -13.75
CA SER B 490 27.11 2.29 -13.55
C SER B 490 26.11 3.42 -13.43
N ILE B 491 26.57 4.53 -12.88
CA ILE B 491 25.87 5.80 -12.97
C ILE B 491 26.93 6.86 -13.37
N HIS B 492 26.56 7.70 -14.32
CA HIS B 492 27.41 8.80 -14.79
C HIS B 492 26.67 10.11 -14.66
N THR B 493 27.40 11.15 -14.29
CA THR B 493 26.88 12.50 -14.46
C THR B 493 27.81 13.21 -15.45
N TYR B 494 27.22 13.73 -16.53
CA TYR B 494 27.93 14.50 -17.57
C TYR B 494 27.68 15.98 -17.39
N LEU B 495 28.76 16.77 -17.51
CA LEU B 495 28.66 18.23 -17.41
C LEU B 495 29.37 18.86 -18.60
N TRP B 496 28.76 19.88 -19.17
CA TRP B 496 29.47 20.68 -20.17
C TRP B 496 28.93 22.08 -20.26
N HIS B 497 29.84 23.00 -20.55
CA HIS B 497 29.45 24.38 -20.82
C HIS B 497 29.01 24.54 -22.25
N ARG B 498 28.11 25.48 -22.45
CA ARG B 498 27.39 25.64 -23.69
C ARG B 498 27.73 26.94 -24.44
N GLN B 499 28.31 27.92 -23.75
CA GLN B 499 28.64 29.20 -24.39
C GLN B 499 30.06 29.62 -23.98
C1 NAG C . -17.52 -31.80 22.95
C2 NAG C . -17.06 -32.60 24.18
C3 NAG C . -18.24 -32.96 25.11
C4 NAG C . -19.09 -31.73 25.41
C5 NAG C . -19.37 -30.88 24.16
C6 NAG C . -19.97 -29.52 24.52
C7 NAG C . -15.13 -34.03 24.19
C8 NAG C . -14.61 -35.42 23.96
N2 NAG C . -16.35 -33.79 23.73
O3 NAG C . -17.80 -33.50 26.34
O4 NAG C . -20.29 -32.21 25.99
O5 NAG C . -18.18 -30.64 23.40
O6 NAG C . -19.01 -28.79 25.26
O7 NAG C . -14.43 -33.19 24.79
C1 NAG C . -20.56 -31.55 27.25
C2 NAG C . -21.99 -31.84 27.75
C3 NAG C . -22.25 -31.01 29.03
C4 NAG C . -21.21 -31.40 30.07
C5 NAG C . -19.79 -31.21 29.49
C6 NAG C . -18.70 -31.71 30.43
C7 NAG C . -23.61 -30.82 26.12
C8 NAG C . -24.49 -31.17 24.94
N2 NAG C . -23.03 -31.85 26.71
O3 NAG C . -23.54 -31.21 29.58
O4 NAG C . -21.45 -30.70 31.27
O5 NAG C . -19.63 -31.90 28.27
O6 NAG C . -17.63 -30.80 30.37
O7 NAG C . -23.50 -29.64 26.46
C1 BMA C . -21.58 -30.86 32.66
C2 BMA C . -20.65 -29.84 33.35
C3 BMA C . -20.64 -30.06 34.87
C4 BMA C . -22.04 -30.19 35.46
C5 BMA C . -22.91 -31.19 34.68
C6 BMA C . -24.35 -31.15 35.18
O2 BMA C . -21.01 -28.49 32.99
O3 BMA C . -19.92 -29.01 35.55
O4 BMA C . -21.95 -30.61 36.83
O5 BMA C . -22.88 -30.88 33.27
O6 BMA C . -25.16 -32.10 34.48
C1 FUC C . -17.99 -34.94 26.40
C2 FUC C . -17.20 -35.50 27.61
C3 FUC C . -17.98 -35.33 28.93
C4 FUC C . -19.43 -35.83 28.79
C5 FUC C . -20.10 -35.14 27.57
C6 FUC C . -21.58 -35.50 27.43
O2 FUC C . -15.93 -34.88 27.71
O3 FUC C . -17.32 -36.00 29.98
O4 FUC C . -19.43 -37.24 28.63
O5 FUC C . -19.37 -35.40 26.37
C1 NAG D . 41.70 6.33 9.32
C2 NAG D . 42.74 5.48 10.10
C3 NAG D . 44.12 5.66 9.49
C4 NAG D . 44.06 5.32 7.99
C5 NAG D . 42.93 6.12 7.30
C6 NAG D . 42.76 5.77 5.82
C7 NAG D . 42.59 4.90 12.52
C8 NAG D . 42.59 5.46 13.90
N2 NAG D . 42.75 5.79 11.52
O3 NAG D . 45.09 4.87 10.17
O4 NAG D . 45.28 5.69 7.40
O5 NAG D . 41.69 5.94 7.96
O6 NAG D . 42.61 4.39 5.62
O7 NAG D . 42.48 3.68 12.37
C1 NAG D . 45.90 4.66 6.61
C2 NAG D . 46.99 5.30 5.74
C3 NAG D . 47.80 4.25 4.96
C4 NAG D . 48.18 3.04 5.81
C5 NAG D . 47.02 2.56 6.68
C6 NAG D . 47.46 1.52 7.69
C7 NAG D . 46.50 7.56 4.89
C8 NAG D . 46.17 8.31 3.64
N2 NAG D . 46.36 6.23 4.82
O3 NAG D . 48.97 4.83 4.40
O4 NAG D . 48.58 2.02 4.92
O5 NAG D . 46.46 3.65 7.41
O6 NAG D . 48.46 2.08 8.51
O7 NAG D . 46.89 8.17 5.90
C1 BMA D . 49.13 0.88 4.31
C2 BMA D . 48.91 -0.61 3.97
C3 BMA D . 50.23 -1.40 4.01
C4 BMA D . 51.33 -0.66 3.22
C5 BMA D . 51.46 0.75 3.81
C6 BMA D . 52.62 1.56 3.24
O2 BMA D . 48.27 -0.75 2.70
O3 BMA D . 50.04 -2.73 3.51
O4 BMA D . 52.58 -1.39 3.25
O5 BMA D . 50.24 1.45 3.59
O6 BMA D . 53.07 2.48 4.24
C1 FUC D . 45.92 5.64 11.11
C2 FUC D . 46.50 4.77 12.23
C3 FUC D . 47.57 3.81 11.67
C4 FUC D . 48.60 4.57 10.84
C5 FUC D . 47.91 5.51 9.83
C6 FUC D . 48.88 6.35 8.99
O2 FUC D . 45.49 4.01 12.86
O3 FUC D . 48.19 3.08 12.72
O4 FUC D . 49.47 5.29 11.71
O5 FUC D . 46.98 6.36 10.50
S SO4 E . -9.87 -7.39 20.34
O1 SO4 E . -9.11 -7.94 19.24
O2 SO4 E . -9.28 -6.13 20.75
O3 SO4 E . -11.25 -7.04 20.06
O4 SO4 E . -9.80 -8.37 21.44
O9 NBV F . -0.25 -11.67 3.63
C12 NBV F . -1.68 -11.95 3.55
C11 NBV F . -2.14 -12.21 2.08
C10 NBV F . -1.51 -13.47 1.48
O1 NBV F . -1.64 -14.63 2.37
C9 NBV F . -2.07 -13.78 0.09
O8 NBV F . -1.33 -14.82 -0.56
C8 NBV F . -1.99 -12.55 -0.85
O7 NBV F . -2.91 -12.79 -1.92
N1 NBV F . -1.77 -11.10 1.20
C7 NBV F . -2.38 -11.25 -0.15
C13 NBV F . -1.98 -9.80 1.86
C14 NBV F . -1.67 -8.61 0.93
C15 NBV F . -1.27 -7.37 1.78
C16 NBV F . -1.01 -6.12 0.91
S SO4 G . -22.71 -15.46 -13.09
O1 SO4 G . -21.35 -15.08 -13.47
O2 SO4 G . -23.26 -14.46 -12.18
O3 SO4 G . -23.47 -15.47 -14.34
O4 SO4 G . -22.80 -16.75 -12.43
S SO4 H . -13.38 1.58 4.86
O1 SO4 H . -12.10 2.29 4.98
O2 SO4 H . -14.49 2.30 5.51
O3 SO4 H . -13.71 1.35 3.44
O4 SO4 H . -13.20 0.31 5.56
S SO4 I . 14.40 -9.97 -6.56
O1 SO4 I . 15.13 -8.76 -6.91
O2 SO4 I . 13.00 -9.64 -6.33
O3 SO4 I . 14.49 -10.91 -7.68
O4 SO4 I . 15.00 -10.61 -5.37
S SO4 J . 22.93 -6.31 -2.94
O1 SO4 J . 23.10 -5.46 -4.13
O2 SO4 J . 22.12 -5.68 -1.91
O3 SO4 J . 22.16 -7.46 -3.40
O4 SO4 J . 24.19 -6.68 -2.34
C1 NAG K . 3.30 25.23 32.63
C2 NAG K . 3.63 24.64 34.01
C3 NAG K . 3.24 25.58 35.17
C4 NAG K . 3.62 27.05 34.87
C5 NAG K . 3.07 27.44 33.50
C6 NAG K . 3.28 28.91 33.11
C7 NAG K . 3.60 22.17 34.19
C8 NAG K . 3.06 21.17 35.18
N2 NAG K . 2.97 23.34 34.14
O3 NAG K . 3.77 25.16 36.42
O4 NAG K . 3.14 27.92 35.89
O5 NAG K . 3.68 26.60 32.53
O6 NAG K . 2.29 29.29 32.17
O7 NAG K . 4.56 21.88 33.48
O9 NBV L . 9.27 2.27 7.98
C12 NBV L . 10.03 3.29 7.27
C11 NBV L . 9.36 4.68 7.31
C10 NBV L . 9.24 5.24 8.74
O1 NBV L . 10.47 5.26 9.50
C9 NBV L . 8.76 6.69 8.70
O8 NBV L . 8.67 7.18 10.02
C8 NBV L . 7.45 6.84 7.97
O7 NBV L . 7.31 8.24 7.73
N1 NBV L . 7.94 4.67 6.81
C7 NBV L . 7.47 6.07 6.63
C13 NBV L . 7.67 3.72 5.71
C14 NBV L . 6.21 3.76 5.23
C15 NBV L . 5.90 2.53 4.34
C16 NBV L . 4.52 2.60 3.65
S SO4 M . 10.85 28.42 -2.61
O1 SO4 M . 11.06 27.64 -3.83
O2 SO4 M . 10.45 29.80 -2.89
O3 SO4 M . 9.75 27.83 -1.83
O4 SO4 M . 12.10 28.44 -1.85
S SO4 N . 9.10 3.18 -10.60
O1 SO4 N . 9.76 2.94 -11.91
O2 SO4 N . 8.61 4.56 -10.53
O3 SO4 N . 7.98 2.25 -10.47
O4 SO4 N . 10.01 2.90 -9.48
S SO4 O . -5.74 0.69 17.76
O1 SO4 O . -5.57 1.23 16.41
O2 SO4 O . -6.22 1.74 18.67
O3 SO4 O . -6.75 -0.37 17.72
O4 SO4 O . -4.47 0.16 18.28
#